data_1MNV
# 
_entry.id   1MNV 
# 
_audit_conform.dict_name       mmcif_pdbx.dic 
_audit_conform.dict_version    5.398 
_audit_conform.dict_location   http://mmcif.pdb.org/dictionaries/ascii/mmcif_pdbx.dic 
# 
loop_
_database_2.database_id 
_database_2.database_code 
_database_2.pdbx_database_accession 
_database_2.pdbx_DOI 
PDB   1MNV         pdb_00001mnv 10.2210/pdb1mnv/pdb 
NDB   DD0053       ?            ?                   
RCSB  RCSB017039   ?            ?                   
WWPDB D_1000017039 ?            ?                   
# 
loop_
_pdbx_audit_revision_history.ordinal 
_pdbx_audit_revision_history.data_content_type 
_pdbx_audit_revision_history.major_revision 
_pdbx_audit_revision_history.minor_revision 
_pdbx_audit_revision_history.revision_date 
1 'Structure model' 1 0 2002-11-22 
2 'Structure model' 1 1 2011-06-14 
3 'Structure model' 1 2 2011-07-13 
4 'Structure model' 1 3 2011-07-27 
5 'Structure model' 1 4 2012-12-12 
6 'Structure model' 2 0 2023-11-15 
7 'Structure model' 3 0 2024-07-10 
8 'Structure model' 3 1 2024-10-30 
# 
_pdbx_audit_revision_details.ordinal             1 
_pdbx_audit_revision_details.revision_ordinal    1 
_pdbx_audit_revision_details.data_content_type   'Structure model' 
_pdbx_audit_revision_details.provider            repository 
_pdbx_audit_revision_details.type                'Initial release' 
_pdbx_audit_revision_details.description         ? 
_pdbx_audit_revision_details.details             ? 
# 
loop_
_pdbx_audit_revision_group.ordinal 
_pdbx_audit_revision_group.revision_ordinal 
_pdbx_audit_revision_group.data_content_type 
_pdbx_audit_revision_group.group 
1  2 'Structure model' 'Version format compliance' 
2  3 'Structure model' 'Version format compliance' 
3  4 'Structure model' 'Atomic model'              
4  4 'Structure model' 'Database references'       
5  4 'Structure model' 'Derived calculations'      
6  4 'Structure model' 'Non-polymer description'   
7  4 'Structure model' 'Structure summary'         
8  5 'Structure model' Other                       
9  6 'Structure model' Advisory                    
10 6 'Structure model' 'Atomic model'              
11 6 'Structure model' 'Data collection'           
12 6 'Structure model' 'Database references'       
13 6 'Structure model' 'Derived calculations'      
14 7 'Structure model' 'Data collection'           
15 7 'Structure model' 'Derived calculations'      
16 7 'Structure model' 'Non-polymer description'   
17 7 'Structure model' 'Structure summary'         
18 8 'Structure model' 'Structure summary'         
# 
loop_
_pdbx_audit_revision_category.ordinal 
_pdbx_audit_revision_category.revision_ordinal 
_pdbx_audit_revision_category.data_content_type 
_pdbx_audit_revision_category.category 
1  6 'Structure model' atom_site                     
2  6 'Structure model' chem_comp_atom                
3  6 'Structure model' chem_comp_bond                
4  6 'Structure model' database_2                    
5  6 'Structure model' pdbx_validate_polymer_linkage 
6  6 'Structure model' struct_conn                   
7  7 'Structure model' chem_comp                     
8  7 'Structure model' chem_comp_atom                
9  7 'Structure model' chem_comp_bond                
10 7 'Structure model' entity                        
11 7 'Structure model' struct_conn                   
12 8 'Structure model' pdbx_entry_details            
13 8 'Structure model' pdbx_modification_feature     
# 
loop_
_pdbx_audit_revision_item.ordinal 
_pdbx_audit_revision_item.revision_ordinal 
_pdbx_audit_revision_item.data_content_type 
_pdbx_audit_revision_item.item 
1  6 'Structure model' '_atom_site.auth_atom_id'                      
2  6 'Structure model' '_atom_site.label_atom_id'                     
3  6 'Structure model' '_database_2.pdbx_DOI'                         
4  6 'Structure model' '_database_2.pdbx_database_accession'          
5  6 'Structure model' '_struct_conn.pdbx_dist_value'                 
6  6 'Structure model' '_struct_conn.pdbx_leaving_atom_flag'          
7  6 'Structure model' '_struct_conn.ptnr1_label_atom_id'             
8  6 'Structure model' '_struct_conn.ptnr2_auth_comp_id'              
9  6 'Structure model' '_struct_conn.ptnr2_auth_seq_id'               
10 6 'Structure model' '_struct_conn.ptnr2_label_atom_id'             
11 6 'Structure model' '_struct_conn.ptnr2_label_comp_id'             
12 6 'Structure model' '_struct_conn.ptnr2_label_seq_id'              
13 7 'Structure model' '_chem_comp.formula'                           
14 7 'Structure model' '_chem_comp.formula_weight'                    
15 7 'Structure model' '_entity.formula_weight'                       
16 7 'Structure model' '_struct_conn.pdbx_leaving_atom_flag'          
17 8 'Structure model' '_pdbx_entry_details.has_protein_modification' 
# 
_pdbx_database_status.status_code                     REL 
_pdbx_database_status.entry_id                        1MNV 
_pdbx_database_status.recvd_initial_deposition_date   2002-09-06 
_pdbx_database_status.deposit_site                    RCSB 
_pdbx_database_status.process_site                    RCSB 
_pdbx_database_status.status_code_sf                  REL 
_pdbx_database_status.SG_entry                        . 
_pdbx_database_status.pdb_format_compatible           Y 
_pdbx_database_status.status_code_mr                  ? 
_pdbx_database_status.status_code_cs                  ? 
_pdbx_database_status.status_code_nmr_data            ? 
_pdbx_database_status.methods_development_category    ? 
# 
loop_
_pdbx_database_related.db_name 
_pdbx_database_related.db_id 
_pdbx_database_related.content_type 
_pdbx_database_related.details 
PDB 1A7Z unspecified 'CRYSTAL STRUCTURE OF ACTINOMYCIN Z3'                                                        
PDB 209D unspecified 'CRYSTAL STRUCTURE OF N8-ACTINOMYCIN D COMPLEXED WITH D(GAAGCTTC)2'                          
PDB 1UNM unspecified 'CRYSTAL STRUCTURE OF 7-AMINOACTINOMYCIN D COMPLEXED WITH NON-COMPLEMENTARY DNA'             
PDB 1I3W unspecified 'CRYSTAL STRUCTURE OF ACTINOMYCIN D COMPLEXED WITH DNA (CGATCGATCG)2'                        
PDB 1A7Y unspecified 'CRYSTAL STRUCTURE OF ACTINOMYCIN D'                                                         
PDB 1FJA unspecified 'SOLUTION STRUCTURE OF ACTINOMYCIN D COMPLEXED WITH DNA (AAGCGCTT)2'                         
PDB 173D unspecified 'CRYSTAL STRUCTURE OF ACTINOMYCIN D COMPLEXED WITH DNA (GAAGCTTC)2'                          
PDB 2D55 unspecified 'CRYSTAL STRUCTURE OF ACTINOMYCIN D COMPLEXED WITH DNA (GAAGCTTC)2'                          
PDB 1DSC unspecified 'SOLUTION STRUCTURE OF ACTINOMYCIN D COMPLEXED WITH DNA (GAAGCTTC)2'                         
PDB 1L1V unspecified 'SOLUTION STRUCTURE OF ACTNIOMYCIN D COMPLEXED WITH MISMATCHED DNA (GTCACCGAC)'              
PDB 316D unspecified 'CRYSTAL STRUCTURE OF F8-ACTINOMYCIN D COMPLEXED WITH DNA (GAAGCTTC)2'                       
PDB 1DSD unspecified 'SOLUTION STRUCTURE OF ACTINOMYCIN D COMPLEXED WITH DNA (GATGCTTC)2'                         
PDB 1UNJ unspecified 'CRYSTAL STRUCTURE OF 7-AMINO-ACTINOMYCIN D COMPLEXED WITH A NON-COMPLEMENTARY DNA (TTAGT)2' 
PDB 1OVF unspecified 'SOLUTIOM STRUCTURE OF ACTINOMYCIN D COMPLEXED WITH DNA (CCGTTTTGTGG)2'                      
PDB 1QFI unspecified 'CRYSTAL STRUCTURE OF ACTINOMYCIN X2'                                                        
# 
loop_
_audit_author.name 
_audit_author.pdbx_ordinal 
'Hou, M.-H.'    1 
'Robinson, H.'  2 
'Gao, Y.-G.'    3 
'Wang, A.H.-J.' 4 
# 
_citation.id                        primary 
_citation.title                     
'Crystal Structure of Actinomycin D Bound to the Ctg Triplet Repeat Sequences Linked to Neurological Diseases' 
_citation.journal_abbrev            'Nucleic Acids Res.' 
_citation.journal_volume            30 
_citation.page_first                4910 
_citation.page_last                 ? 
_citation.year                      2002 
_citation.journal_id_ASTM           NARHAD 
_citation.country                   UK 
_citation.journal_id_ISSN           0305-1048 
_citation.journal_id_CSD            0389 
_citation.book_publisher            ? 
_citation.pdbx_database_id_PubMed   12433994 
_citation.pdbx_database_id_DOI      10.1093/NAR/GKF619 
# 
loop_
_citation_author.citation_id 
_citation_author.name 
_citation_author.ordinal 
_citation_author.identifier_ORCID 
primary 'Hou, M.-H.'    1 ? 
primary 'Robinson, H.'  2 ? 
primary 'Gao, Y.-G.'    3 ? 
primary 'Wang, A.H.-J.' 4 ? 
# 
loop_
_entity.id 
_entity.type 
_entity.src_method 
_entity.pdbx_description 
_entity.formula_weight 
_entity.pdbx_number_of_molecules 
_entity.pdbx_ec 
_entity.pdbx_mutation 
_entity.pdbx_fragment 
_entity.details 
1 polymer syn "5'-D(*AP*TP*GP*CP*TP*GP*CP*AP*T)-3'" 2730.810 2  ? ? ? ? 
2 polymer man 'ACTINOMYCIN D'                       1291.446 2  ? ? ? ? 
3 water   nat water                                 18.015   65 ? ? ? ? 
# 
_entity_name_com.entity_id   2 
_entity_name_com.name        DACTINOMYCIN 
# 
loop_
_entity_poly.entity_id 
_entity_poly.type 
_entity_poly.nstd_linkage 
_entity_poly.nstd_monomer 
_entity_poly.pdbx_seq_one_letter_code 
_entity_poly.pdbx_seq_one_letter_code_can 
_entity_poly.pdbx_strand_id 
_entity_poly.pdbx_target_identifier 
1 polydeoxyribonucleotide no no  '(DA)(DT)(DG)(DC)(DT)(DG)(DC)(DA)(DT)'    ATGCTGCAT   A,B ? 
2 'polypeptide(L)'        no yes 'T(DVA)P(SAR)(MVA)(PXZ)T(DVA)P(SAR)(MVA)' TVPGVXTVPGV C,D ? 
# 
_pdbx_entity_nonpoly.entity_id   3 
_pdbx_entity_nonpoly.name        water 
_pdbx_entity_nonpoly.comp_id     HOH 
# 
loop_
_entity_poly_seq.entity_id 
_entity_poly_seq.num 
_entity_poly_seq.mon_id 
_entity_poly_seq.hetero 
1 1  DA  n 
1 2  DT  n 
1 3  DG  n 
1 4  DC  n 
1 5  DT  n 
1 6  DG  n 
1 7  DC  n 
1 8  DA  n 
1 9  DT  n 
2 1  THR n 
2 2  DVA n 
2 3  PRO n 
2 4  SAR n 
2 5  MVA n 
2 6  PXZ n 
2 7  THR n 
2 8  DVA n 
2 9  PRO n 
2 10 SAR n 
2 11 MVA n 
# 
_entity_src_gen.entity_id                          2 
_entity_src_gen.pdbx_src_id                        1 
_entity_src_gen.pdbx_alt_source_flag               sample 
_entity_src_gen.pdbx_seq_type                      ? 
_entity_src_gen.pdbx_beg_seq_num                   ? 
_entity_src_gen.pdbx_end_seq_num                   ? 
_entity_src_gen.gene_src_common_name               ? 
_entity_src_gen.gene_src_genus                     ? 
_entity_src_gen.pdbx_gene_src_gene                 ? 
_entity_src_gen.gene_src_species                   ? 
_entity_src_gen.gene_src_strain                    ? 
_entity_src_gen.gene_src_tissue                    ? 
_entity_src_gen.gene_src_tissue_fraction           ? 
_entity_src_gen.gene_src_details                   ? 
_entity_src_gen.pdbx_gene_src_fragment             ? 
_entity_src_gen.pdbx_gene_src_scientific_name      'STREPTOMYCES ANTIBIOTICUS' 
_entity_src_gen.pdbx_gene_src_ncbi_taxonomy_id     1890 
_entity_src_gen.pdbx_gene_src_variant              ? 
_entity_src_gen.pdbx_gene_src_cell_line            ? 
_entity_src_gen.pdbx_gene_src_atcc                 ? 
_entity_src_gen.pdbx_gene_src_organ                ? 
_entity_src_gen.pdbx_gene_src_organelle            ? 
_entity_src_gen.pdbx_gene_src_cell                 ? 
_entity_src_gen.pdbx_gene_src_cellular_location    ? 
_entity_src_gen.host_org_common_name               ? 
_entity_src_gen.pdbx_host_org_scientific_name      ? 
_entity_src_gen.pdbx_host_org_ncbi_taxonomy_id     ? 
_entity_src_gen.host_org_genus                     ? 
_entity_src_gen.pdbx_host_org_gene                 ? 
_entity_src_gen.pdbx_host_org_organ                ? 
_entity_src_gen.host_org_species                   ? 
_entity_src_gen.pdbx_host_org_tissue               ? 
_entity_src_gen.pdbx_host_org_tissue_fraction      ? 
_entity_src_gen.pdbx_host_org_strain               ? 
_entity_src_gen.pdbx_host_org_variant              ? 
_entity_src_gen.pdbx_host_org_cell_line            ? 
_entity_src_gen.pdbx_host_org_atcc                 ? 
_entity_src_gen.pdbx_host_org_culture_collection   ? 
_entity_src_gen.pdbx_host_org_cell                 ? 
_entity_src_gen.pdbx_host_org_organelle            ? 
_entity_src_gen.pdbx_host_org_cellular_location    ? 
_entity_src_gen.pdbx_host_org_vector_type          ? 
_entity_src_gen.pdbx_host_org_vector               ? 
_entity_src_gen.host_org_details                   ? 
_entity_src_gen.expression_system_id               ? 
_entity_src_gen.plasmid_name                       ? 
_entity_src_gen.plasmid_details                    ? 
_entity_src_gen.pdbx_description                   ? 
# 
_pdbx_entity_src_syn.entity_id              1 
_pdbx_entity_src_syn.pdbx_src_id            1 
_pdbx_entity_src_syn.pdbx_alt_source_flag   sample 
_pdbx_entity_src_syn.pdbx_beg_seq_num       ? 
_pdbx_entity_src_syn.pdbx_end_seq_num       ? 
_pdbx_entity_src_syn.organism_scientific    ? 
_pdbx_entity_src_syn.organism_common_name   ? 
_pdbx_entity_src_syn.ncbi_taxonomy_id       ? 
_pdbx_entity_src_syn.details                'This sequence occurs naturally in humans' 
# 
loop_
_chem_comp.id 
_chem_comp.type 
_chem_comp.mon_nstd_flag 
_chem_comp.name 
_chem_comp.pdbx_synonyms 
_chem_comp.formula 
_chem_comp.formula_weight 
DA  'DNA linking'       y "2'-DEOXYADENOSINE-5'-MONOPHOSPHATE"                            ?           'C10 H14 N5 O6 P' 331.222 
DC  'DNA linking'       y "2'-DEOXYCYTIDINE-5'-MONOPHOSPHATE"                             ?           'C9 H14 N3 O7 P'  307.197 
DG  'DNA linking'       y "2'-DEOXYGUANOSINE-5'-MONOPHOSPHATE"                            ?           'C10 H14 N5 O7 P' 347.221 
DT  'DNA linking'       y "THYMIDINE-5'-MONOPHOSPHATE"                                    ?           'C10 H15 N2 O8 P' 322.208 
DVA 'D-peptide linking' . D-VALINE                                                        ?           'C5 H11 N O2'     117.146 
HOH non-polymer         . WATER                                                           ?           'H2 O'            18.015  
MVA 'L-peptide linking' n N-METHYLVALINE                                                  ?           'C6 H13 N O2'     131.173 
PRO 'L-peptide linking' y PROLINE                                                         ?           'C5 H9 N O2'      115.130 
PXZ non-polymer         . 2-AMINO-1,9-DICARBONYL-4,6-DIMETHYL-10-DEHYDRO-PHENOXAZIN-3-ONE PHENOXAZINE 'C16 H12 N2 O6'   328.276 
SAR 'peptide linking'   n SARCOSINE                                                       ?           'C3 H7 N O2'      89.093  
THR 'L-peptide linking' y THREONINE                                                       ?           'C4 H9 N O3'      119.119 
# 
loop_
_pdbx_poly_seq_scheme.asym_id 
_pdbx_poly_seq_scheme.entity_id 
_pdbx_poly_seq_scheme.seq_id 
_pdbx_poly_seq_scheme.mon_id 
_pdbx_poly_seq_scheme.ndb_seq_num 
_pdbx_poly_seq_scheme.pdb_seq_num 
_pdbx_poly_seq_scheme.auth_seq_num 
_pdbx_poly_seq_scheme.pdb_mon_id 
_pdbx_poly_seq_scheme.auth_mon_id 
_pdbx_poly_seq_scheme.pdb_strand_id 
_pdbx_poly_seq_scheme.pdb_ins_code 
_pdbx_poly_seq_scheme.hetero 
A 1 1  DA  1  1  1  DA  DA  A . n 
A 1 2  DT  2  2  2  DT  DT  A . n 
A 1 3  DG  3  3  3  DG  DG  A . n 
A 1 4  DC  4  4  4  DC  DC  A . n 
A 1 5  DT  5  5  5  DT  DT  A . n 
A 1 6  DG  6  6  6  DG  DG  A . n 
A 1 7  DC  7  7  7  DC  DC  A . n 
A 1 8  DA  8  8  8  DA  DA  A . n 
A 1 9  DT  9  9  9  DT  DT  A . n 
B 1 1  DA  1  10 10 DA  DA  B . n 
B 1 2  DT  2  11 11 DT  DT  B . n 
B 1 3  DG  3  12 12 DG  DG  B . n 
B 1 4  DC  4  13 13 DC  DC  B . n 
B 1 5  DT  5  14 14 DT  DT  B . n 
B 1 6  DG  6  15 15 DG  DG  B . n 
B 1 7  DC  7  16 16 DC  DC  B . n 
B 1 8  DA  8  17 17 DA  DA  B . n 
B 1 9  DT  9  18 18 DT  DT  B . n 
C 2 1  THR 1  1  1  THR THR C . n 
C 2 2  DVA 2  2  2  DVA DVA C . n 
C 2 3  PRO 3  3  3  PRO PRO C . n 
C 2 4  SAR 4  4  4  SAR SAR C . n 
C 2 5  MVA 5  5  5  MVA MVA C . n 
C 2 6  PXZ 6  6  6  PXZ PXZ C . n 
C 2 7  THR 7  7  7  THR THR C . n 
C 2 8  DVA 8  8  8  DVA DVA C . n 
C 2 9  PRO 9  9  9  PRO PRO C . n 
C 2 10 SAR 10 10 10 SAR SAR C . n 
C 2 11 MVA 11 11 11 MVA MVA C . n 
D 2 1  THR 1  1  1  THR THR D . n 
D 2 2  DVA 2  2  2  DVA DVA D . n 
D 2 3  PRO 3  3  3  PRO PRO D . n 
D 2 4  SAR 4  4  4  SAR SAR D . n 
D 2 5  MVA 5  5  5  MVA MVA D . n 
D 2 6  PXZ 6  6  6  PXZ PXZ D . n 
D 2 7  THR 7  7  7  THR THR D . n 
D 2 8  DVA 8  8  8  DVA DVA D . n 
D 2 9  PRO 9  9  9  PRO PRO D . n 
D 2 10 SAR 10 10 10 SAR SAR D . n 
D 2 11 MVA 11 11 11 MVA MVA D . n 
# 
loop_
_pdbx_nonpoly_scheme.asym_id 
_pdbx_nonpoly_scheme.entity_id 
_pdbx_nonpoly_scheme.mon_id 
_pdbx_nonpoly_scheme.ndb_seq_num 
_pdbx_nonpoly_scheme.pdb_seq_num 
_pdbx_nonpoly_scheme.auth_seq_num 
_pdbx_nonpoly_scheme.pdb_mon_id 
_pdbx_nonpoly_scheme.auth_mon_id 
_pdbx_nonpoly_scheme.pdb_strand_id 
_pdbx_nonpoly_scheme.pdb_ins_code 
E 3 HOH 1  2001 2001 HOH HOH A . 
E 3 HOH 2  2002 2002 HOH HOH A . 
E 3 HOH 3  2003 2003 HOH HOH A . 
E 3 HOH 4  2004 2004 HOH HOH A . 
E 3 HOH 5  2005 2005 HOH HOH A . 
E 3 HOH 6  2006 2006 HOH HOH A . 
E 3 HOH 7  2007 2007 HOH HOH A . 
E 3 HOH 8  2008 2008 HOH HOH A . 
E 3 HOH 9  2009 2009 HOH HOH A . 
E 3 HOH 10 2010 2010 HOH HOH A . 
E 3 HOH 11 2011 2011 HOH HOH A . 
E 3 HOH 12 2012 2012 HOH HOH A . 
E 3 HOH 13 2013 2013 HOH HOH A . 
E 3 HOH 14 2014 2014 HOH HOH A . 
E 3 HOH 15 2015 2015 HOH HOH A . 
E 3 HOH 16 2016 2016 HOH HOH A . 
E 3 HOH 17 2017 2017 HOH HOH A . 
E 3 HOH 18 2018 2018 HOH HOH A . 
E 3 HOH 19 2019 2019 HOH HOH A . 
E 3 HOH 20 2020 2020 HOH HOH A . 
E 3 HOH 21 2021 2021 HOH HOH A . 
E 3 HOH 22 2022 2022 HOH HOH A . 
E 3 HOH 23 2023 2023 HOH HOH A . 
E 3 HOH 24 2024 2024 HOH HOH A . 
E 3 HOH 25 2025 2025 HOH HOH A . 
E 3 HOH 26 2026 2026 HOH HOH A . 
E 3 HOH 27 2027 2027 HOH HOH A . 
E 3 HOH 28 2028 2028 HOH HOH A . 
E 3 HOH 29 2029 2029 HOH HOH A . 
E 3 HOH 30 2030 2030 HOH HOH A . 
E 3 HOH 31 2031 2031 HOH HOH A . 
E 3 HOH 32 2032 2032 HOH HOH A . 
F 3 HOH 1  2001 2001 HOH HOH B . 
F 3 HOH 2  2002 2002 HOH HOH B . 
F 3 HOH 3  2003 2003 HOH HOH B . 
F 3 HOH 4  2004 2004 HOH HOH B . 
F 3 HOH 5  2005 2005 HOH HOH B . 
F 3 HOH 6  2006 2006 HOH HOH B . 
F 3 HOH 7  2007 2007 HOH HOH B . 
F 3 HOH 8  2008 2008 HOH HOH B . 
F 3 HOH 9  2009 2009 HOH HOH B . 
F 3 HOH 10 2010 2010 HOH HOH B . 
F 3 HOH 11 2011 2011 HOH HOH B . 
F 3 HOH 12 2012 2012 HOH HOH B . 
F 3 HOH 13 2013 2013 HOH HOH B . 
F 3 HOH 14 2014 2014 HOH HOH B . 
F 3 HOH 15 2015 2015 HOH HOH B . 
F 3 HOH 16 2016 2016 HOH HOH B . 
F 3 HOH 17 2017 2017 HOH HOH B . 
F 3 HOH 18 2018 2018 HOH HOH B . 
F 3 HOH 19 2019 2019 HOH HOH B . 
F 3 HOH 20 2020 2020 HOH HOH B . 
F 3 HOH 21 2021 2021 HOH HOH B . 
F 3 HOH 22 2022 2022 HOH HOH B . 
F 3 HOH 23 2023 2023 HOH HOH B . 
F 3 HOH 24 2024 2024 HOH HOH B . 
F 3 HOH 25 2025 2025 HOH HOH B . 
F 3 HOH 26 2026 2026 HOH HOH B . 
F 3 HOH 27 2027 2027 HOH HOH B . 
G 3 HOH 1  2001 2001 HOH HOH C . 
G 3 HOH 2  2002 2002 HOH HOH C . 
G 3 HOH 3  2003 2003 HOH HOH C . 
H 3 HOH 1  2001 2001 HOH HOH D . 
H 3 HOH 2  2002 2002 HOH HOH D . 
H 3 HOH 3  2003 2003 HOH HOH D . 
# 
loop_
_software.name 
_software.classification 
_software.version 
_software.citation_id 
_software.pdbx_ordinal 
CNS      refinement       . ? 1 
X-PLOR   refinement       . ? 2 
HKL-2000 'data reduction' . ? 3 
HKL-2000 'data scaling'   . ? 4 
CNS      phasing          . ? 5 
# 
_cell.entry_id           1MNV 
_cell.length_a           47.240 
_cell.length_b           47.240 
_cell.length_c           69.450 
_cell.angle_alpha        90.00 
_cell.angle_beta         90.00 
_cell.angle_gamma        120.00 
_cell.Z_PDB              12 
_cell.pdbx_unique_axis   ? 
# 
_symmetry.entry_id                         1MNV 
_symmetry.space_group_name_H-M             'P 31 1 2' 
_symmetry.pdbx_full_space_group_name_H-M   ? 
_symmetry.cell_setting                     ? 
_symmetry.Int_Tables_number                151 
# 
_exptl.entry_id          1MNV 
_exptl.method            'X-RAY DIFFRACTION' 
_exptl.crystals_number   2 
# 
_exptl_crystal.id                    1 
_exptl_crystal.density_meas          ? 
_exptl_crystal.density_Matthews      2.74 
_exptl_crystal.density_percent_sol   55.04 
_exptl_crystal.description           ? 
# 
_exptl_crystal_grow.crystal_id      1 
_exptl_crystal_grow.method          ? 
_exptl_crystal_grow.temp            ? 
_exptl_crystal_grow.temp_details    ? 
_exptl_crystal_grow.pH              6.0 
_exptl_crystal_grow.pdbx_pH_range   ? 
_exptl_crystal_grow.pdbx_details    
'SODIUM-CACODYLATE BUFFER (PH 6.0), 10 MM BACL2, 3 MM SPERMINE, 4 % MPD SOLUTION, VAPOR DIFFUSION, HANGING DROP, TEMPERATURE 323K' 
# 
loop_
_exptl_crystal_grow_comp.crystal_id 
_exptl_crystal_grow_comp.id 
_exptl_crystal_grow_comp.sol_id 
_exptl_crystal_grow_comp.name 
_exptl_crystal_grow_comp.conc 
_exptl_crystal_grow_comp.volume 
_exptl_crystal_grow_comp.details 
1 1 1 'sodium-cacodylate buffer' ? ? ? 
1 2 1 BaCl2                      ? ? ? 
1 3 1 spermine                   ? ? ? 
1 4 1 MPD                        ? ? ? 
1 5 2 BaCl2                      ? ? ? 
1 6 2 MPD                        ? ? ? 
# 
_diffrn.id                     1 
_diffrn.ambient_temp           110 
_diffrn.ambient_temp_details   ? 
_diffrn.crystal_id             1 
# 
_diffrn_radiation.diffrn_id                        1 
_diffrn_radiation.wavelength_id                    1 
_diffrn_radiation.pdbx_monochromatic_or_laue_m_l   M 
_diffrn_radiation.monochromator                    '3X3 MOSAIC CCD DETECTOR' 
_diffrn_radiation.pdbx_diffrn_protocol             'SINGLE WAVELENGTH' 
_diffrn_radiation.pdbx_scattering_type             x-ray 
# 
_diffrn_radiation_wavelength.id           1 
_diffrn_radiation_wavelength.wavelength   0.9530 
_diffrn_radiation_wavelength.wt           1.0 
# 
_diffrn_source.diffrn_id                   1 
_diffrn_source.source                      SYNCHROTRON 
_diffrn_source.type                        'APS BEAMLINE 19-ID' 
_diffrn_source.pdbx_synchrotron_site       APS 
_diffrn_source.pdbx_synchrotron_beamline   19-ID 
_diffrn_source.pdbx_wavelength             0.9530 
_diffrn_source.pdbx_wavelength_list        ? 
# 
_reflns.pdbx_diffrn_id               1 
_reflns.pdbx_ordinal                 1 
_reflns.entry_id                     1MNV 
_reflns.observed_criterion_sigma_I   ? 
_reflns.observed_criterion_sigma_F   ? 
_reflns.d_resolution_low             80.000 
_reflns.d_resolution_high            2.600 
_reflns.number_obs                   25064 
_reflns.number_all                   ? 
_reflns.percent_possible_obs         96.9 
_reflns.pdbx_Rmerge_I_obs            0.05500 
_reflns.pdbx_Rsym_value              ? 
_reflns.pdbx_netI_over_sigmaI        29.1000 
_reflns.B_iso_Wilson_estimate        ? 
_reflns.pdbx_redundancy              6.900 
# 
_reflns_shell.pdbx_diffrn_id         1 
_reflns_shell.pdbx_ordinal           1 
_reflns_shell.d_res_high             2.60 
_reflns_shell.d_res_low              2.72 
_reflns_shell.percent_possible_all   99.0 
_reflns_shell.Rmerge_I_obs           0.13900 
_reflns_shell.pdbx_Rsym_value        ? 
_reflns_shell.meanI_over_sigI_obs    14.400 
_reflns_shell.pdbx_redundancy        ? 
# 
_refine.pdbx_refine_id                           'X-RAY DIFFRACTION' 
_refine.entry_id                                 1MNV 
_refine.pdbx_diffrn_id                           1 
_refine.pdbx_TLS_residual_ADP_flag               ? 
_refine.ls_number_reflns_obs                     2650 
_refine.ls_number_reflns_all                     ? 
_refine.pdbx_ls_sigma_I                          ? 
_refine.pdbx_ls_sigma_F                          5.000 
_refine.pdbx_data_cutoff_high_absF               ? 
_refine.pdbx_data_cutoff_low_absF                ? 
_refine.pdbx_data_cutoff_high_rms_absF           ? 
_refine.ls_d_res_low                             20.00 
_refine.ls_d_res_high                            2.60 
_refine.ls_percent_reflns_obs                    95.0 
_refine.ls_R_factor_obs                          0.233 
_refine.ls_R_factor_all                          ? 
_refine.ls_R_factor_R_work                       0.233 
_refine.ls_R_factor_R_free                       0.295 
_refine.ls_R_factor_R_free_error                 ? 
_refine.ls_R_factor_R_free_error_details         ? 
_refine.ls_percent_reflns_R_free                 ? 
_refine.ls_number_reflns_R_free                  120 
_refine.ls_number_parameters                     ? 
_refine.ls_number_restraints                     ? 
_refine.occupancy_min                            ? 
_refine.occupancy_max                            ? 
_refine.correlation_coeff_Fo_to_Fc               ? 
_refine.correlation_coeff_Fo_to_Fc_free          ? 
_refine.B_iso_mean                               5.30 
_refine.aniso_B[1][1]                            ? 
_refine.aniso_B[2][2]                            ? 
_refine.aniso_B[3][3]                            ? 
_refine.aniso_B[1][2]                            ? 
_refine.aniso_B[1][3]                            ? 
_refine.aniso_B[2][3]                            ? 
_refine.solvent_model_details                    ? 
_refine.solvent_model_param_ksol                 ? 
_refine.solvent_model_param_bsol                 ? 
_refine.pdbx_solvent_vdw_probe_radii             ? 
_refine.pdbx_solvent_ion_probe_radii             ? 
_refine.pdbx_solvent_shrinkage_radii             ? 
_refine.pdbx_ls_cross_valid_method               THROUGHOUT 
_refine.details                                  ? 
_refine.pdbx_starting_model                      ? 
_refine.pdbx_method_to_determine_struct          MAD 
_refine.pdbx_isotropic_thermal_model             ? 
_refine.pdbx_stereochemistry_target_values       ? 
_refine.pdbx_stereochem_target_val_spec_case     ? 
_refine.pdbx_R_Free_selection_details            RANDOM 
_refine.pdbx_overall_ESU_R                       ? 
_refine.pdbx_overall_ESU_R_Free                  ? 
_refine.overall_SU_ML                            ? 
_refine.pdbx_overall_phase_error                 ? 
_refine.overall_SU_B                             ? 
_refine.overall_SU_R_Cruickshank_DPI             ? 
_refine.pdbx_overall_SU_R_free_Cruickshank_DPI   ? 
_refine.pdbx_overall_SU_R_Blow_DPI               ? 
_refine.pdbx_overall_SU_R_free_Blow_DPI          ? 
# 
_refine_hist.pdbx_refine_id                   'X-RAY DIFFRACTION' 
_refine_hist.cycle_id                         LAST 
_refine_hist.pdbx_number_atoms_protein        180 
_refine_hist.pdbx_number_atoms_nucleic_acid   362 
_refine_hist.pdbx_number_atoms_ligand         0 
_refine_hist.number_atoms_solvent             65 
_refine_hist.number_atoms_total               607 
_refine_hist.d_res_high                       2.60 
_refine_hist.d_res_low                        20.00 
# 
_refine_ls_shell.pdbx_refine_id                   'X-RAY DIFFRACTION' 
_refine_ls_shell.pdbx_total_number_of_bins_used   8 
_refine_ls_shell.d_res_high                       2.60 
_refine_ls_shell.d_res_low                        2.72 
_refine_ls_shell.number_reflns_R_work             2650 
_refine_ls_shell.R_factor_R_work                  0.2330 
_refine_ls_shell.percent_reflns_obs               95.00 
_refine_ls_shell.R_factor_R_free                  0.2950 
_refine_ls_shell.R_factor_R_free_error            ? 
_refine_ls_shell.percent_reflns_R_free            5.00 
_refine_ls_shell.number_reflns_R_free             ? 
_refine_ls_shell.number_reflns_all                ? 
_refine_ls_shell.R_factor_all                     ? 
# 
_struct.entry_id                  1MNV 
_struct.title                     'Actinomycin D binding to ATGCTGCAT' 
_struct.pdbx_model_details        ? 
_struct.pdbx_CASP_flag            ? 
_struct.pdbx_model_type_details   ? 
# 
_struct_keywords.entry_id        1MNV 
_struct_keywords.pdbx_keywords   DNA/ANTIBIOTIC 
_struct_keywords.text            
'ACTINOMYCIN D, ACTINOMYCIN, ANTIBIOTIC, ANTI CANCER, ANTITUMOR, CHROMOPHORE, DEPSIPEPTIDE, DNA-ANTIBIOTIC COMPLEX' 
# 
loop_
_struct_asym.id 
_struct_asym.pdbx_blank_PDB_chainid_flag 
_struct_asym.pdbx_modified 
_struct_asym.entity_id 
_struct_asym.details 
A N N 1 ? 
B N N 1 ? 
C N N 2 ? 
D N N 2 ? 
E N N 3 ? 
F N N 3 ? 
G N N 3 ? 
H N N 3 ? 
# 
loop_
_struct_ref.id 
_struct_ref.db_name 
_struct_ref.db_code 
_struct_ref.entity_id 
_struct_ref.pdbx_seq_one_letter_code 
_struct_ref.pdbx_align_begin 
_struct_ref.pdbx_db_accession 
_struct_ref.pdbx_db_isoform 
1 PDB 1MNV     1 ? ? 1MNV     ? 
2 NOR NOR00228 2 ? ? NOR00228 ? 
# 
loop_
_struct_ref_seq.align_id 
_struct_ref_seq.ref_id 
_struct_ref_seq.pdbx_PDB_id_code 
_struct_ref_seq.pdbx_strand_id 
_struct_ref_seq.seq_align_beg 
_struct_ref_seq.pdbx_seq_align_beg_ins_code 
_struct_ref_seq.seq_align_end 
_struct_ref_seq.pdbx_seq_align_end_ins_code 
_struct_ref_seq.pdbx_db_accession 
_struct_ref_seq.db_align_beg 
_struct_ref_seq.pdbx_db_align_beg_ins_code 
_struct_ref_seq.db_align_end 
_struct_ref_seq.pdbx_db_align_end_ins_code 
_struct_ref_seq.pdbx_auth_seq_align_beg 
_struct_ref_seq.pdbx_auth_seq_align_end 
1 1 1MNV A 1 ? 9  ? 1MNV     1  ? 9  ? 1  9  
2 1 1MNV B 1 ? 9  ? 1MNV     10 ? 18 ? 10 18 
3 2 1MNV C 1 ? 11 ? NOR00228 1  ? 11 ? 1  11 
4 2 1MNV D 1 ? 11 ? NOR00228 1  ? 11 ? 1  11 
# 
_pdbx_struct_assembly.id                   1 
_pdbx_struct_assembly.details              software_defined_assembly 
_pdbx_struct_assembly.method_details       PISA 
_pdbx_struct_assembly.oligomeric_details   tetrameric 
_pdbx_struct_assembly.oligomeric_count     4 
# 
loop_
_pdbx_struct_assembly_prop.biol_id 
_pdbx_struct_assembly_prop.type 
_pdbx_struct_assembly_prop.value 
_pdbx_struct_assembly_prop.details 
1 'ABSA (A^2)' 880  ? 
1 MORE         -6.3 ? 
1 'SSA (A^2)'  4030 ? 
# 
_pdbx_struct_assembly_gen.assembly_id       1 
_pdbx_struct_assembly_gen.oper_expression   1 
_pdbx_struct_assembly_gen.asym_id_list      A,B,C,D,E,F,G,H 
# 
_pdbx_struct_oper_list.id                   1 
_pdbx_struct_oper_list.type                 'identity operation' 
_pdbx_struct_oper_list.name                 1_555 
_pdbx_struct_oper_list.symmetry_operation   x,y,z 
_pdbx_struct_oper_list.matrix[1][1]         1.0000000000 
_pdbx_struct_oper_list.matrix[1][2]         0.0000000000 
_pdbx_struct_oper_list.matrix[1][3]         0.0000000000 
_pdbx_struct_oper_list.vector[1]            0.0000000000 
_pdbx_struct_oper_list.matrix[2][1]         0.0000000000 
_pdbx_struct_oper_list.matrix[2][2]         1.0000000000 
_pdbx_struct_oper_list.matrix[2][3]         0.0000000000 
_pdbx_struct_oper_list.vector[2]            0.0000000000 
_pdbx_struct_oper_list.matrix[3][1]         0.0000000000 
_pdbx_struct_oper_list.matrix[3][2]         0.0000000000 
_pdbx_struct_oper_list.matrix[3][3]         1.0000000000 
_pdbx_struct_oper_list.vector[3]            0.0000000000 
# 
_struct_biol.id   1 
# 
loop_
_struct_conn.id 
_struct_conn.conn_type_id 
_struct_conn.pdbx_leaving_atom_flag 
_struct_conn.pdbx_PDB_id 
_struct_conn.ptnr1_label_asym_id 
_struct_conn.ptnr1_label_comp_id 
_struct_conn.ptnr1_label_seq_id 
_struct_conn.ptnr1_label_atom_id 
_struct_conn.pdbx_ptnr1_label_alt_id 
_struct_conn.pdbx_ptnr1_PDB_ins_code 
_struct_conn.pdbx_ptnr1_standard_comp_id 
_struct_conn.ptnr1_symmetry 
_struct_conn.ptnr2_label_asym_id 
_struct_conn.ptnr2_label_comp_id 
_struct_conn.ptnr2_label_seq_id 
_struct_conn.ptnr2_label_atom_id 
_struct_conn.pdbx_ptnr2_label_alt_id 
_struct_conn.pdbx_ptnr2_PDB_ins_code 
_struct_conn.ptnr1_auth_asym_id 
_struct_conn.ptnr1_auth_comp_id 
_struct_conn.ptnr1_auth_seq_id 
_struct_conn.ptnr2_auth_asym_id 
_struct_conn.ptnr2_auth_comp_id 
_struct_conn.ptnr2_auth_seq_id 
_struct_conn.ptnr2_symmetry 
_struct_conn.pdbx_ptnr3_label_atom_id 
_struct_conn.pdbx_ptnr3_label_seq_id 
_struct_conn.pdbx_ptnr3_label_comp_id 
_struct_conn.pdbx_ptnr3_label_asym_id 
_struct_conn.pdbx_ptnr3_label_alt_id 
_struct_conn.pdbx_ptnr3_PDB_ins_code 
_struct_conn.details 
_struct_conn.pdbx_dist_value 
_struct_conn.pdbx_value_order 
_struct_conn.pdbx_role 
covale1  covale both ? C THR 1  C     ? ? ? 1_555 C DVA 2  N  ? ? C THR 1  C DVA 2  1_555 ? ? ? ? ? ? ?            1.306 ? ? 
covale2  covale one  ? C THR 1  OG1   ? ? ? 1_555 C MVA 5  C  ? ? C THR 1  C MVA 5  1_555 ? ? ? ? ? ? ?            1.337 ? ? 
covale3  covale both ? C THR 1  N     ? ? ? 1_555 C PXZ 6  C0 ? ? C THR 1  C PXZ 6  1_555 ? ? ? ? ? ? ?            1.313 ? ? 
covale4  covale both ? C DVA 2  C     ? ? ? 1_555 C PRO 3  N  ? ? C DVA 2  C PRO 3  1_555 ? ? ? ? ? ? ?            1.328 ? ? 
covale5  covale both ? C PRO 3  C     ? ? ? 1_555 C SAR 4  N  ? ? C PRO 3  C SAR 4  1_555 ? ? ? ? ? ? ?            1.306 ? ? 
covale6  covale both ? C SAR 4  C     ? ? ? 1_555 C MVA 5  N  ? ? C SAR 4  C MVA 5  1_555 ? ? ? ? ? ? ?            1.322 ? ? 
covale7  covale both ? C PXZ 6  "C0'" ? ? ? 1_555 C THR 7  N  ? ? C PXZ 6  C THR 7  1_555 ? ? ? ? ? ? ?            1.341 ? ? 
covale8  covale both ? C THR 7  C     ? ? ? 1_555 C DVA 8  N  ? ? C THR 7  C DVA 8  1_555 ? ? ? ? ? ? ?            1.285 ? ? 
covale9  covale one  ? C THR 7  OG1   ? ? ? 1_555 C MVA 11 C  ? ? C THR 7  C MVA 11 1_555 ? ? ? ? ? ? ?            1.428 ? ? 
covale10 covale both ? C DVA 8  C     ? ? ? 1_555 C PRO 9  N  ? ? C DVA 8  C PRO 9  1_555 ? ? ? ? ? ? ?            1.321 ? ? 
covale11 covale both ? C PRO 9  C     ? ? ? 1_555 C SAR 10 N  ? ? C PRO 9  C SAR 10 1_555 ? ? ? ? ? ? ?            1.308 ? ? 
covale12 covale both ? C SAR 10 C     ? ? ? 1_555 C MVA 11 N  ? ? C SAR 10 C MVA 11 1_555 ? ? ? ? ? ? ?            1.313 ? ? 
covale13 covale both ? D THR 1  C     ? ? ? 1_555 D DVA 2  N  ? ? D THR 1  D DVA 2  1_555 ? ? ? ? ? ? ?            1.311 ? ? 
covale14 covale one  ? D THR 1  OG1   ? ? ? 1_555 D MVA 5  C  ? ? D THR 1  D MVA 5  1_555 ? ? ? ? ? ? ?            1.363 ? ? 
covale15 covale both ? D THR 1  N     ? ? ? 1_555 D PXZ 6  C0 ? ? D THR 1  D PXZ 6  1_555 ? ? ? ? ? ? ?            1.324 ? ? 
covale16 covale both ? D DVA 2  C     ? ? ? 1_555 D PRO 3  N  ? ? D DVA 2  D PRO 3  1_555 ? ? ? ? ? ? ?            1.321 ? ? 
covale17 covale both ? D PRO 3  C     ? ? ? 1_555 D SAR 4  N  ? ? D PRO 3  D SAR 4  1_555 ? ? ? ? ? ? ?            1.316 ? ? 
covale18 covale both ? D SAR 4  C     ? ? ? 1_555 D MVA 5  N  ? ? D SAR 4  D MVA 5  1_555 ? ? ? ? ? ? ?            1.313 ? ? 
covale19 covale both ? D PXZ 6  "C0'" ? ? ? 1_555 D THR 7  N  ? ? D PXZ 6  D THR 7  1_555 ? ? ? ? ? ? ?            1.318 ? ? 
covale20 covale both ? D THR 7  C     ? ? ? 1_555 D DVA 8  N  ? ? D THR 7  D DVA 8  1_555 ? ? ? ? ? ? ?            1.306 ? ? 
covale21 covale one  ? D THR 7  OG1   ? ? ? 1_555 D MVA 11 C  ? ? D THR 7  D MVA 11 1_555 ? ? ? ? ? ? ?            1.340 ? ? 
covale22 covale both ? D DVA 8  C     ? ? ? 1_555 D PRO 9  N  ? ? D DVA 8  D PRO 9  1_555 ? ? ? ? ? ? ?            1.329 ? ? 
covale23 covale both ? D PRO 9  C     ? ? ? 1_555 D SAR 10 N  ? ? D PRO 9  D SAR 10 1_555 ? ? ? ? ? ? ?            1.311 ? ? 
covale24 covale both ? D SAR 10 C     ? ? ? 1_555 D MVA 11 N  ? ? D SAR 10 D MVA 11 1_555 ? ? ? ? ? ? ?            1.313 ? ? 
hydrog1  hydrog ?    ? A DA  1  N1    ? ? ? 1_555 B DT  9  N3 ? ? A DA  1  B DT  18 1_555 ? ? ? ? ? ? WATSON-CRICK ?     ? ? 
hydrog2  hydrog ?    ? A DA  1  N6    ? ? ? 1_555 B DT  9  O4 ? ? A DA  1  B DT  18 1_555 ? ? ? ? ? ? WATSON-CRICK ?     ? ? 
hydrog3  hydrog ?    ? A DT  2  N3    ? ? ? 1_555 B DA  8  N1 ? ? A DT  2  B DA  17 1_555 ? ? ? ? ? ? WATSON-CRICK ?     ? ? 
hydrog4  hydrog ?    ? A DT  2  O4    ? ? ? 1_555 B DA  8  N6 ? ? A DT  2  B DA  17 1_555 ? ? ? ? ? ? WATSON-CRICK ?     ? ? 
hydrog5  hydrog ?    ? A DG  3  N1    ? ? ? 1_555 B DC  7  N3 ? ? A DG  3  B DC  16 1_555 ? ? ? ? ? ? WATSON-CRICK ?     ? ? 
hydrog6  hydrog ?    ? A DG  3  N2    ? ? ? 1_555 B DC  7  O2 ? ? A DG  3  B DC  16 1_555 ? ? ? ? ? ? WATSON-CRICK ?     ? ? 
hydrog7  hydrog ?    ? A DG  3  O6    ? ? ? 1_555 B DC  7  N4 ? ? A DG  3  B DC  16 1_555 ? ? ? ? ? ? WATSON-CRICK ?     ? ? 
hydrog8  hydrog ?    ? A DC  4  N3    ? ? ? 1_555 B DG  6  N1 ? ? A DC  4  B DG  15 1_555 ? ? ? ? ? ? WATSON-CRICK ?     ? ? 
hydrog9  hydrog ?    ? A DC  4  N4    ? ? ? 1_555 B DG  6  O6 ? ? A DC  4  B DG  15 1_555 ? ? ? ? ? ? WATSON-CRICK ?     ? ? 
hydrog10 hydrog ?    ? A DC  4  O2    ? ? ? 1_555 B DG  6  N2 ? ? A DC  4  B DG  15 1_555 ? ? ? ? ? ? WATSON-CRICK ?     ? ? 
hydrog11 hydrog ?    ? A DT  5  N3    ? ? ? 1_555 B DT  5  O4 ? ? A DT  5  B DT  14 1_555 ? ? ? ? ? ? TYPE_16_PAIR ?     ? ? 
hydrog12 hydrog ?    ? A DT  5  O2    ? ? ? 1_555 B DT  5  N3 ? ? A DT  5  B DT  14 1_555 ? ? ? ? ? ? TYPE_16_PAIR ?     ? ? 
hydrog13 hydrog ?    ? A DG  6  N1    ? ? ? 1_555 B DC  4  N3 ? ? A DG  6  B DC  13 1_555 ? ? ? ? ? ? WATSON-CRICK ?     ? ? 
hydrog14 hydrog ?    ? A DG  6  N2    ? ? ? 1_555 B DC  4  O2 ? ? A DG  6  B DC  13 1_555 ? ? ? ? ? ? WATSON-CRICK ?     ? ? 
hydrog15 hydrog ?    ? A DG  6  O6    ? ? ? 1_555 B DC  4  N4 ? ? A DG  6  B DC  13 1_555 ? ? ? ? ? ? WATSON-CRICK ?     ? ? 
hydrog16 hydrog ?    ? A DC  7  N3    ? ? ? 1_555 B DG  3  N1 ? ? A DC  7  B DG  12 1_555 ? ? ? ? ? ? WATSON-CRICK ?     ? ? 
hydrog17 hydrog ?    ? A DC  7  N4    ? ? ? 1_555 B DG  3  O6 ? ? A DC  7  B DG  12 1_555 ? ? ? ? ? ? WATSON-CRICK ?     ? ? 
hydrog18 hydrog ?    ? A DC  7  O2    ? ? ? 1_555 B DG  3  N2 ? ? A DC  7  B DG  12 1_555 ? ? ? ? ? ? WATSON-CRICK ?     ? ? 
hydrog19 hydrog ?    ? A DA  8  N1    ? ? ? 1_555 B DT  2  N3 ? ? A DA  8  B DT  11 1_555 ? ? ? ? ? ? WATSON-CRICK ?     ? ? 
hydrog20 hydrog ?    ? A DA  8  N6    ? ? ? 1_555 B DT  2  O4 ? ? A DA  8  B DT  11 1_555 ? ? ? ? ? ? WATSON-CRICK ?     ? ? 
hydrog21 hydrog ?    ? A DT  9  N3    ? ? ? 1_555 B DA  1  N1 ? ? A DT  9  B DA  10 1_555 ? ? ? ? ? ? WATSON-CRICK ?     ? ? 
hydrog22 hydrog ?    ? A DT  9  O4    ? ? ? 1_555 B DA  1  N6 ? ? A DT  9  B DA  10 1_555 ? ? ? ? ? ? WATSON-CRICK ?     ? ? 
# 
loop_
_struct_conn_type.id 
_struct_conn_type.criteria 
_struct_conn_type.reference 
covale ? ? 
hydrog ? ? 
# 
loop_
_pdbx_modification_feature.ordinal 
_pdbx_modification_feature.label_comp_id 
_pdbx_modification_feature.label_asym_id 
_pdbx_modification_feature.label_seq_id 
_pdbx_modification_feature.label_alt_id 
_pdbx_modification_feature.modified_residue_label_comp_id 
_pdbx_modification_feature.modified_residue_label_asym_id 
_pdbx_modification_feature.modified_residue_label_seq_id 
_pdbx_modification_feature.modified_residue_label_alt_id 
_pdbx_modification_feature.auth_comp_id 
_pdbx_modification_feature.auth_asym_id 
_pdbx_modification_feature.auth_seq_id 
_pdbx_modification_feature.PDB_ins_code 
_pdbx_modification_feature.symmetry 
_pdbx_modification_feature.modified_residue_auth_comp_id 
_pdbx_modification_feature.modified_residue_auth_asym_id 
_pdbx_modification_feature.modified_residue_auth_seq_id 
_pdbx_modification_feature.modified_residue_PDB_ins_code 
_pdbx_modification_feature.modified_residue_symmetry 
_pdbx_modification_feature.comp_id_linking_atom 
_pdbx_modification_feature.modified_residue_id_linking_atom 
_pdbx_modification_feature.modified_residue_id 
_pdbx_modification_feature.ref_pcm_id 
_pdbx_modification_feature.ref_comp_id 
_pdbx_modification_feature.type 
_pdbx_modification_feature.category 
1  SAR C 4  ? .   . .  . SAR C 4  ? 1_555 .   . .  . .     .   .  GLY 1 SAR Methylation 'Named protein modification' 
2  MVA C 5  ? .   . .  . MVA C 5  ? 1_555 .   . .  . .     .   .  VAL 1 MVA Methylation 'Named protein modification' 
3  SAR C 10 ? .   . .  . SAR C 10 ? 1_555 .   . .  . .     .   .  GLY 1 SAR Methylation 'Named protein modification' 
4  MVA C 11 ? .   . .  . MVA C 11 ? 1_555 .   . .  . .     .   .  VAL 1 MVA Methylation 'Named protein modification' 
5  SAR D 4  ? .   . .  . SAR D 4  ? 1_555 .   . .  . .     .   .  GLY 1 SAR Methylation 'Named protein modification' 
6  MVA D 5  ? .   . .  . MVA D 5  ? 1_555 .   . .  . .     .   .  VAL 1 MVA Methylation 'Named protein modification' 
7  SAR D 10 ? .   . .  . SAR D 10 ? 1_555 .   . .  . .     .   .  GLY 1 SAR Methylation 'Named protein modification' 
8  MVA D 11 ? .   . .  . MVA D 11 ? 1_555 .   . .  . .     .   .  VAL 1 MVA Methylation 'Named protein modification' 
9  PXZ C 6  ? .   . .  . PXZ C 6  ? 1_555 .   . .  . .     .   .  ?   1 PXZ None        'Non-standard residue'       
10 PXZ D 6  ? .   . .  . PXZ D 6  ? 1_555 .   . .  . .     .   .  ?   1 PXZ None        'Non-standard residue'       
11 THR C 1  ? MVA C 5  ? THR C 1  ? 1_555 MVA C 5  ? 1_555 OG1 C  .   . .   None        'Non-standard linkage'       
12 THR C 1  ? PXZ C 6  ? THR C 1  ? 1_555 PXZ C 6  ? 1_555 N   C0 .   . .   None        'Non-standard linkage'       
13 THR C 7  ? MVA C 11 ? THR C 7  ? 1_555 MVA C 11 ? 1_555 OG1 C  .   . .   None        'Non-standard linkage'       
14 THR D 1  ? MVA D 5  ? THR D 1  ? 1_555 MVA D 5  ? 1_555 OG1 C  .   . .   None        'Non-standard linkage'       
15 THR D 1  ? PXZ D 6  ? THR D 1  ? 1_555 PXZ D 6  ? 1_555 N   C0 .   . .   None        'Non-standard linkage'       
16 THR D 7  ? MVA D 11 ? THR D 7  ? 1_555 MVA D 11 ? 1_555 OG1 C  .   . .   None        'Non-standard linkage'       
# 
loop_
_struct_mon_prot_cis.pdbx_id 
_struct_mon_prot_cis.label_comp_id 
_struct_mon_prot_cis.label_seq_id 
_struct_mon_prot_cis.label_asym_id 
_struct_mon_prot_cis.label_alt_id 
_struct_mon_prot_cis.pdbx_PDB_ins_code 
_struct_mon_prot_cis.auth_comp_id 
_struct_mon_prot_cis.auth_seq_id 
_struct_mon_prot_cis.auth_asym_id 
_struct_mon_prot_cis.pdbx_label_comp_id_2 
_struct_mon_prot_cis.pdbx_label_seq_id_2 
_struct_mon_prot_cis.pdbx_label_asym_id_2 
_struct_mon_prot_cis.pdbx_PDB_ins_code_2 
_struct_mon_prot_cis.pdbx_auth_comp_id_2 
_struct_mon_prot_cis.pdbx_auth_seq_id_2 
_struct_mon_prot_cis.pdbx_auth_asym_id_2 
_struct_mon_prot_cis.pdbx_PDB_model_num 
_struct_mon_prot_cis.pdbx_omega_angle 
1 DVA 2 C . ? DVA 2 C PRO 3  C ? PRO 3  C 1 26.26 
2 PRO 3 C . ? PRO 3 C SAR 4  C ? SAR 4  C 1 0.01  
3 PRO 9 C . ? PRO 9 C SAR 10 C ? SAR 10 C 1 -0.78 
4 DVA 2 D . ? DVA 2 D PRO 3  D ? PRO 3  D 1 24.39 
5 PRO 3 D . ? PRO 3 D SAR 4  D ? SAR 4  D 1 -0.03 
6 PRO 9 D . ? PRO 9 D SAR 10 D ? SAR 10 D 1 -0.38 
# 
loop_
_struct_site.id 
_struct_site.pdbx_evidence_code 
_struct_site.pdbx_auth_asym_id 
_struct_site.pdbx_auth_comp_id 
_struct_site.pdbx_auth_seq_id 
_struct_site.pdbx_auth_ins_code 
_struct_site.pdbx_num_residues 
_struct_site.details 
AC1 Software ? ? ? ? 11 'BINDING SITE FOR CHAIN C OF ACTINOMYCIN D' 
AC2 Software ? ? ? ? 12 'BINDING SITE FOR CHAIN D OF ACTINOMYCIN D' 
1   ?        ? ? ? ? ?  ?                                           
# 
loop_
_struct_site_gen.id 
_struct_site_gen.site_id 
_struct_site_gen.pdbx_num_res 
_struct_site_gen.label_comp_id 
_struct_site_gen.label_asym_id 
_struct_site_gen.label_seq_id 
_struct_site_gen.pdbx_auth_ins_code 
_struct_site_gen.auth_comp_id 
_struct_site_gen.auth_asym_id 
_struct_site_gen.auth_seq_id 
_struct_site_gen.label_atom_id 
_struct_site_gen.label_alt_id 
_struct_site_gen.symmetry 
_struct_site_gen.details 
1  AC1 11 DT  A 2  ? DT  A 2    . ? 1_555 ? 
2  AC1 11 DG  A 3  ? DG  A 3    . ? 1_555 ? 
3  AC1 11 DC  A 4  ? DC  A 4    . ? 1_555 ? 
4  AC1 11 DT  B 5  ? DT  B 14   . ? 1_555 ? 
5  AC1 11 DG  B 6  ? DG  B 15   . ? 1_555 ? 
6  AC1 11 DC  B 7  ? DC  B 16   . ? 1_555 ? 
7  AC1 11 DA  B 8  ? DA  B 17   . ? 1_555 ? 
8  AC1 11 HOH F .  ? HOH B 2015 . ? 1_555 ? 
9  AC1 11 SAR D 10 ? SAR D 10   . ? 6_555 ? 
10 AC1 11 MVA D 11 ? MVA D 11   . ? 1_555 ? 
11 AC1 11 MVA D 11 ? MVA D 11   . ? 6_555 ? 
12 AC2 12 DG  A 6  ? DG  A 6    . ? 1_555 ? 
13 AC2 12 DC  A 7  ? DC  A 7    . ? 1_555 ? 
14 AC2 12 DA  A 8  ? DA  A 8    . ? 1_555 ? 
15 AC2 12 HOH E .  ? HOH A 2001 . ? 1_555 ? 
16 AC2 12 DT  B 2  ? DT  B 11   . ? 1_555 ? 
17 AC2 12 DG  B 3  ? DG  B 12   . ? 1_555 ? 
18 AC2 12 DC  B 4  ? DC  B 13   . ? 1_555 ? 
19 AC2 12 DT  B 5  ? DT  B 14   . ? 1_555 ? 
20 AC2 12 DVA C 8  ? DVA C 8    . ? 6_555 ? 
21 AC2 12 PRO C 9  ? PRO C 9    . ? 6_555 ? 
22 AC2 12 SAR C 10 ? SAR C 10   . ? 1_555 ? 
23 AC2 12 HOH H .  ? HOH D 2003 . ? 1_555 ? 
# 
_pdbx_entry_details.entry_id                   1MNV 
_pdbx_entry_details.compound_details           
;ACTINOMYCIN D IS A BICYCLIC PEPTIDE, A MEMBER OF THE                 
  ACTINOMYCIN FAMILY.
  HERE, ACTINOMYCIN D IS REPRESENTED BY THE SEQUENCE (SEQRES)
;
_pdbx_entry_details.source_details             ? 
_pdbx_entry_details.nonpolymer_details         ? 
_pdbx_entry_details.sequence_details           ? 
_pdbx_entry_details.has_ligand_of_interest     ? 
_pdbx_entry_details.has_protein_modification   Y 
# 
loop_
_pdbx_validate_rmsd_bond.id 
_pdbx_validate_rmsd_bond.PDB_model_num 
_pdbx_validate_rmsd_bond.auth_atom_id_1 
_pdbx_validate_rmsd_bond.auth_asym_id_1 
_pdbx_validate_rmsd_bond.auth_comp_id_1 
_pdbx_validate_rmsd_bond.auth_seq_id_1 
_pdbx_validate_rmsd_bond.PDB_ins_code_1 
_pdbx_validate_rmsd_bond.label_alt_id_1 
_pdbx_validate_rmsd_bond.auth_atom_id_2 
_pdbx_validate_rmsd_bond.auth_asym_id_2 
_pdbx_validate_rmsd_bond.auth_comp_id_2 
_pdbx_validate_rmsd_bond.auth_seq_id_2 
_pdbx_validate_rmsd_bond.PDB_ins_code_2 
_pdbx_validate_rmsd_bond.label_alt_id_2 
_pdbx_validate_rmsd_bond.bond_value 
_pdbx_validate_rmsd_bond.bond_target_value 
_pdbx_validate_rmsd_bond.bond_deviation 
_pdbx_validate_rmsd_bond.bond_standard_deviation 
_pdbx_validate_rmsd_bond.linker_flag 
1  1 "C5'" A DA 1  ? ? "C4'" A DA 1  ? ? 1.562 1.512 0.050  0.007 N 
2  1 N1    A DT 2  ? ? C2    A DT 2  ? ? 1.283 1.376 -0.093 0.008 N 
3  1 C2    A DT 2  ? ? N3    A DT 2  ? ? 1.322 1.373 -0.051 0.008 N 
4  1 C6    A DT 2  ? ? N1    A DT 2  ? ? 1.333 1.378 -0.045 0.007 N 
5  1 "C3'" A DG 3  ? ? "C2'" A DG 3  ? ? 1.465 1.516 -0.051 0.008 N 
6  1 "O3'" A DG 3  ? ? "C3'" A DG 3  ? ? 1.377 1.419 -0.042 0.006 N 
7  1 C5    A DG 3  ? ? N7    A DG 3  ? ? 1.435 1.388 0.047  0.006 N 
8  1 "C4'" A DC 4  ? ? "C3'" A DC 4  ? ? 1.451 1.521 -0.070 0.010 N 
9  1 "C3'" A DT 5  ? ? "C2'" A DT 5  ? ? 1.466 1.516 -0.050 0.008 N 
10 1 C5    A DT 5  ? ? C6    A DT 5  ? ? 1.269 1.339 -0.070 0.007 N 
11 1 C6    A DT 5  ? ? N1    A DT 5  ? ? 1.322 1.378 -0.056 0.007 N 
12 1 "O3'" A DG 6  ? ? "C3'" A DG 6  ? ? 1.381 1.419 -0.038 0.006 N 
13 1 P     A DC 7  ? ? "O5'" A DC 7  ? ? 1.662 1.593 0.069  0.010 N 
14 1 "C5'" A DA 8  ? ? "C4'" A DA 8  ? ? 1.561 1.512 0.049  0.007 N 
15 1 "C5'" B DA 10 ? ? "C4'" B DA 10 ? ? 1.556 1.512 0.044  0.007 N 
16 1 "O4'" B DT 11 ? ? "C1'" B DT 11 ? ? 1.321 1.418 -0.097 0.012 N 
17 1 "O4'" B DT 11 ? ? "C4'" B DT 11 ? ? 1.335 1.446 -0.111 0.010 N 
18 1 C5    B DT 11 ? ? C7    B DT 11 ? ? 1.533 1.496 0.037  0.006 N 
19 1 "C4'" B DG 12 ? ? "C3'" B DG 12 ? ? 1.431 1.521 -0.090 0.010 N 
20 1 "O3'" B DG 12 ? ? "C3'" B DG 12 ? ? 1.360 1.419 -0.059 0.006 N 
21 1 C6    B DG 12 ? ? N1    B DG 12 ? ? 1.348 1.391 -0.043 0.007 N 
22 1 P     B DC 13 ? ? "O5'" B DC 13 ? ? 1.665 1.593 0.072  0.010 N 
23 1 N1    B DC 13 ? ? C6    B DC 13 ? ? 1.326 1.367 -0.041 0.006 N 
24 1 "O4'" B DT 14 ? ? "C4'" B DT 14 ? ? 1.251 1.446 -0.195 0.010 N 
25 1 C5    B DT 14 ? ? C6    B DT 14 ? ? 1.294 1.339 -0.045 0.007 N 
26 1 C6    B DT 14 ? ? N1    B DT 14 ? ? 1.332 1.378 -0.046 0.007 N 
27 1 N3    B DG 15 ? ? C4    B DG 15 ? ? 1.292 1.350 -0.058 0.007 N 
28 1 N9    B DG 15 ? ? C4    B DG 15 ? ? 1.304 1.375 -0.071 0.008 N 
29 1 "C4'" B DA 17 ? ? "C3'" B DA 17 ? ? 1.441 1.521 -0.080 0.010 N 
30 1 C5    B DT 18 ? ? C7    B DT 18 ? ? 1.557 1.496 0.061  0.006 N 
# 
loop_
_pdbx_validate_rmsd_angle.id 
_pdbx_validate_rmsd_angle.PDB_model_num 
_pdbx_validate_rmsd_angle.auth_atom_id_1 
_pdbx_validate_rmsd_angle.auth_asym_id_1 
_pdbx_validate_rmsd_angle.auth_comp_id_1 
_pdbx_validate_rmsd_angle.auth_seq_id_1 
_pdbx_validate_rmsd_angle.PDB_ins_code_1 
_pdbx_validate_rmsd_angle.label_alt_id_1 
_pdbx_validate_rmsd_angle.auth_atom_id_2 
_pdbx_validate_rmsd_angle.auth_asym_id_2 
_pdbx_validate_rmsd_angle.auth_comp_id_2 
_pdbx_validate_rmsd_angle.auth_seq_id_2 
_pdbx_validate_rmsd_angle.PDB_ins_code_2 
_pdbx_validate_rmsd_angle.label_alt_id_2 
_pdbx_validate_rmsd_angle.auth_atom_id_3 
_pdbx_validate_rmsd_angle.auth_asym_id_3 
_pdbx_validate_rmsd_angle.auth_comp_id_3 
_pdbx_validate_rmsd_angle.auth_seq_id_3 
_pdbx_validate_rmsd_angle.PDB_ins_code_3 
_pdbx_validate_rmsd_angle.label_alt_id_3 
_pdbx_validate_rmsd_angle.angle_value 
_pdbx_validate_rmsd_angle.angle_target_value 
_pdbx_validate_rmsd_angle.angle_deviation 
_pdbx_validate_rmsd_angle.angle_standard_deviation 
_pdbx_validate_rmsd_angle.linker_flag 
1  1 "O4'" A DA 1  ? ? "C1'" A DA 1  ? ? N9    A DA 1  ? ? 115.40 108.30 7.10   0.30 N 
2  1 "O4'" A DT 2  ? ? "C4'" A DT 2  ? ? "C3'" A DT 2  ? ? 100.06 104.50 -4.44  0.40 N 
3  1 "O4'" A DT 2  ? ? "C1'" A DT 2  ? ? N1    A DT 2  ? ? 100.80 108.00 -7.20  0.70 N 
4  1 C6    A DT 2  ? ? C5    A DT 2  ? ? C7    A DT 2  ? ? 118.88 122.90 -4.02  0.60 N 
5  1 "C5'" A DC 4  ? ? "C4'" A DC 4  ? ? "O4'" A DC 4  ? ? 120.61 109.80 10.81  1.10 N 
6  1 N3    A DC 4  ? ? C4    A DC 4  ? ? C5    A DC 4  ? ? 118.35 121.90 -3.55  0.40 N 
7  1 "C3'" A DC 4  ? ? "O3'" A DC 4  ? ? P     A DT 5  ? ? 127.79 119.70 8.09   1.20 Y 
8  1 C2    A DT 5  ? ? N3    A DT 5  ? ? C4    A DT 5  ? ? 122.19 127.20 -5.01  0.60 N 
9  1 C4    A DT 5  ? ? C5    A DT 5  ? ? C7    A DT 5  ? ? 126.05 119.00 7.05   0.60 N 
10 1 C6    A DT 5  ? ? C5    A DT 5  ? ? C7    A DT 5  ? ? 112.99 122.90 -9.91  0.60 N 
11 1 "O4'" A DG 6  ? ? "C1'" A DG 6  ? ? N9    A DG 6  ? ? 102.65 108.00 -5.35  0.70 N 
12 1 "C5'" A DC 7  ? ? "C4'" A DC 7  ? ? "C3'" A DC 7  ? ? 102.62 114.10 -11.48 1.80 N 
13 1 "C3'" A DC 7  ? ? "O3'" A DC 7  ? ? P     A DA 8  ? ? 130.81 119.70 11.11  1.20 Y 
14 1 "O4'" A DA 8  ? ? "C1'" A DA 8  ? ? N9    A DA 8  ? ? 113.15 108.30 4.85   0.30 N 
15 1 "C3'" A DA 8  ? ? "O3'" A DA 8  ? ? P     A DT 9  ? ? 129.67 119.70 9.97   1.20 Y 
16 1 "O4'" A DT 9  ? ? "C1'" A DT 9  ? ? "C2'" A DT 9  ? ? 101.06 105.90 -4.84  0.80 N 
17 1 C4    A DT 9  ? ? C5    A DT 9  ? ? C6    A DT 9  ? ? 121.83 118.00 3.83   0.60 N 
18 1 C6    A DT 9  ? ? C5    A DT 9  ? ? C7    A DT 9  ? ? 118.93 122.90 -3.97  0.60 N 
19 1 "C3'" B DA 10 ? ? "O3'" B DA 10 ? ? P     B DT 11 ? ? 132.96 119.70 13.26  1.20 Y 
20 1 "C5'" B DT 11 ? ? "C4'" B DT 11 ? ? "O4'" B DT 11 ? ? 124.82 109.80 15.02  1.10 N 
21 1 "C1'" B DT 11 ? ? "O4'" B DT 11 ? ? "C4'" B DT 11 ? ? 103.63 110.10 -6.47  1.00 N 
22 1 "C4'" B DT 11 ? ? "C3'" B DT 11 ? ? "C2'" B DT 11 ? ? 96.80  102.20 -5.40  0.70 N 
23 1 "O4'" B DT 11 ? ? "C1'" B DT 11 ? ? N1    B DT 11 ? ? 119.90 108.30 11.60  0.30 N 
24 1 "C5'" B DG 12 ? ? "C4'" B DG 12 ? ? "O4'" B DG 12 ? ? 116.46 109.80 6.66   1.10 N 
25 1 "O4'" B DG 12 ? ? "C1'" B DG 12 ? ? "C2'" B DG 12 ? ? 99.80  105.90 -6.10  0.80 N 
26 1 "O4'" B DG 12 ? ? "C1'" B DG 12 ? ? N9    B DG 12 ? ? 113.16 108.30 4.86   0.30 N 
27 1 P     B DC 13 ? ? "O5'" B DC 13 ? ? "C5'" B DC 13 ? ? 132.23 120.90 11.33  1.60 N 
28 1 "O4'" B DC 13 ? ? "C1'" B DC 13 ? ? N1    B DC 13 ? ? 111.80 108.30 3.50   0.30 N 
29 1 N1    B DC 13 ? ? C2    B DC 13 ? ? O2    B DC 13 ? ? 122.93 118.90 4.03   0.60 N 
30 1 N3    B DC 13 ? ? C2    B DC 13 ? ? O2    B DC 13 ? ? 116.85 121.90 -5.05  0.70 N 
31 1 "C3'" B DC 13 ? ? "O3'" B DC 13 ? ? P     B DT 14 ? ? 129.98 119.70 10.28  1.20 Y 
32 1 "O4'" B DT 14 ? ? "C4'" B DT 14 ? ? "C3'" B DT 14 ? ? 99.81  104.50 -4.69  0.40 N 
33 1 "C5'" B DT 14 ? ? "C4'" B DT 14 ? ? "O4'" B DT 14 ? ? 117.31 109.80 7.51   1.10 N 
34 1 "C3'" B DT 14 ? ? "C2'" B DT 14 ? ? "C1'" B DT 14 ? ? 97.02  102.40 -5.38  0.80 N 
35 1 N1    B DT 14 ? ? "C1'" B DT 14 ? ? "C2'" B DT 14 ? ? 123.75 114.30 9.45   1.40 N 
36 1 "O4'" B DT 14 ? ? "C1'" B DT 14 ? ? N1    B DT 14 ? ? 116.28 108.30 7.98   0.30 N 
37 1 C4    B DT 14 ? ? C5    B DT 14 ? ? C6    B DT 14 ? ? 123.06 118.00 5.06   0.60 N 
38 1 N3    B DT 14 ? ? C2    B DT 14 ? ? O2    B DT 14 ? ? 126.44 122.30 4.14   0.60 N 
39 1 C4    B DT 14 ? ? C5    B DT 14 ? ? C7    B DT 14 ? ? 123.02 119.00 4.02   0.60 N 
40 1 C6    B DT 14 ? ? C5    B DT 14 ? ? C7    B DT 14 ? ? 113.72 122.90 -9.18  0.60 N 
41 1 N9    B DG 15 ? ? "C1'" B DG 15 ? ? "C2'" B DG 15 ? ? 123.28 114.30 8.98   1.40 N 
42 1 "O4'" B DG 15 ? ? "C1'" B DG 15 ? ? N9    B DG 15 ? ? 100.67 108.00 -7.33  0.70 N 
43 1 N9    B DG 15 ? ? C4    B DG 15 ? ? C5    B DG 15 ? ? 108.39 105.40 2.99   0.40 N 
44 1 N3    B DG 15 ? ? C4    B DG 15 ? ? N9    B DG 15 ? ? 120.70 126.00 -5.30  0.60 N 
45 1 "O5'" B DC 16 ? ? P     B DC 16 ? ? OP2   B DC 16 ? ? 100.10 105.70 -5.60  0.90 N 
46 1 "C1'" B DC 16 ? ? "O4'" B DC 16 ? ? "C4'" B DC 16 ? ? 96.48  110.10 -13.62 1.00 N 
47 1 C6    B DC 16 ? ? N1    B DC 16 ? ? C2    B DC 16 ? ? 123.43 120.30 3.13   0.40 N 
48 1 N1    B DC 16 ? ? C2    B DC 16 ? ? O2    B DC 16 ? ? 122.85 118.90 3.95   0.60 N 
49 1 "O4'" B DA 17 ? ? "C4'" B DA 17 ? ? "C3'" B DA 17 ? ? 101.21 104.50 -3.29  0.40 N 
50 1 "O4'" B DA 17 ? ? "C1'" B DA 17 ? ? "C2'" B DA 17 ? ? 100.31 105.90 -5.59  0.80 N 
51 1 "O4'" B DT 18 ? ? "C4'" B DT 18 ? ? "C3'" B DT 18 ? ? 98.26  104.50 -6.24  0.40 N 
52 1 "O4'" B DT 18 ? ? "C1'" B DT 18 ? ? N1    B DT 18 ? ? 110.58 108.30 2.28   0.30 N 
53 1 C5    B DT 18 ? ? C6    B DT 18 ? ? N1    B DT 18 ? ? 119.46 123.70 -4.24  0.60 N 
# 
loop_
_pdbx_validate_peptide_omega.id 
_pdbx_validate_peptide_omega.PDB_model_num 
_pdbx_validate_peptide_omega.auth_comp_id_1 
_pdbx_validate_peptide_omega.auth_asym_id_1 
_pdbx_validate_peptide_omega.auth_seq_id_1 
_pdbx_validate_peptide_omega.PDB_ins_code_1 
_pdbx_validate_peptide_omega.label_alt_id_1 
_pdbx_validate_peptide_omega.auth_comp_id_2 
_pdbx_validate_peptide_omega.auth_asym_id_2 
_pdbx_validate_peptide_omega.auth_seq_id_2 
_pdbx_validate_peptide_omega.PDB_ins_code_2 
_pdbx_validate_peptide_omega.label_alt_id_2 
_pdbx_validate_peptide_omega.omega 
1 1 DVA C 8 ? ? PRO C 9 ? ? 30.33 
2 1 DVA D 8 ? ? PRO D 9 ? ? 45.91 
# 
loop_
_pdbx_validate_planes.id 
_pdbx_validate_planes.PDB_model_num 
_pdbx_validate_planes.auth_comp_id 
_pdbx_validate_planes.auth_asym_id 
_pdbx_validate_planes.auth_seq_id 
_pdbx_validate_planes.PDB_ins_code 
_pdbx_validate_planes.label_alt_id 
_pdbx_validate_planes.rmsd 
_pdbx_validate_planes.type 
1  1 DA A 1  ? ? 0.079 'SIDE CHAIN' 
2  1 DG A 3  ? ? 0.158 'SIDE CHAIN' 
3  1 DC A 4  ? ? 0.098 'SIDE CHAIN' 
4  1 DG A 6  ? ? 0.122 'SIDE CHAIN' 
5  1 DC A 7  ? ? 0.102 'SIDE CHAIN' 
6  1 DA B 10 ? ? 0.068 'SIDE CHAIN' 
7  1 DT B 11 ? ? 0.133 'SIDE CHAIN' 
8  1 DG B 12 ? ? 0.097 'SIDE CHAIN' 
9  1 DT B 14 ? ? 0.130 'SIDE CHAIN' 
10 1 DG B 15 ? ? 0.084 'SIDE CHAIN' 
11 1 DC B 16 ? ? 0.072 'SIDE CHAIN' 
12 1 DA B 17 ? ? 0.066 'SIDE CHAIN' 
# 
_pdbx_molecule_features.prd_id    PRD_000001 
_pdbx_molecule_features.name      'Actinomycin D' 
_pdbx_molecule_features.type      Polypeptide 
_pdbx_molecule_features.class     Antibiotic 
_pdbx_molecule_features.details   
;ACTINOMYCIN D CONSISTS OF TWO PENTAMER                
  RINGS LINKED BY THE CHROMOPHORE (PXZ)
;
# 
loop_
_pdbx_molecule.instance_id 
_pdbx_molecule.prd_id 
_pdbx_molecule.asym_id 
1 PRD_000001 C 
2 PRD_000001 D 
# 
_struct_site_keywords.site_id   1 
_struct_site_keywords.text      INTERCALATION 
# 
loop_
_chem_comp_atom.comp_id 
_chem_comp_atom.atom_id 
_chem_comp_atom.type_symbol 
_chem_comp_atom.pdbx_aromatic_flag 
_chem_comp_atom.pdbx_stereo_config 
_chem_comp_atom.pdbx_ordinal 
DA  OP3    O N N 1   
DA  P      P N N 2   
DA  OP1    O N N 3   
DA  OP2    O N N 4   
DA  "O5'"  O N N 5   
DA  "C5'"  C N N 6   
DA  "C4'"  C N R 7   
DA  "O4'"  O N N 8   
DA  "C3'"  C N S 9   
DA  "O3'"  O N N 10  
DA  "C2'"  C N N 11  
DA  "C1'"  C N R 12  
DA  N9     N Y N 13  
DA  C8     C Y N 14  
DA  N7     N Y N 15  
DA  C5     C Y N 16  
DA  C6     C Y N 17  
DA  N6     N N N 18  
DA  N1     N Y N 19  
DA  C2     C Y N 20  
DA  N3     N Y N 21  
DA  C4     C Y N 22  
DA  HOP3   H N N 23  
DA  HOP2   H N N 24  
DA  "H5'"  H N N 25  
DA  "H5''" H N N 26  
DA  "H4'"  H N N 27  
DA  "H3'"  H N N 28  
DA  "HO3'" H N N 29  
DA  "H2'"  H N N 30  
DA  "H2''" H N N 31  
DA  "H1'"  H N N 32  
DA  H8     H N N 33  
DA  H61    H N N 34  
DA  H62    H N N 35  
DA  H2     H N N 36  
DC  OP3    O N N 37  
DC  P      P N N 38  
DC  OP1    O N N 39  
DC  OP2    O N N 40  
DC  "O5'"  O N N 41  
DC  "C5'"  C N N 42  
DC  "C4'"  C N R 43  
DC  "O4'"  O N N 44  
DC  "C3'"  C N S 45  
DC  "O3'"  O N N 46  
DC  "C2'"  C N N 47  
DC  "C1'"  C N R 48  
DC  N1     N N N 49  
DC  C2     C N N 50  
DC  O2     O N N 51  
DC  N3     N N N 52  
DC  C4     C N N 53  
DC  N4     N N N 54  
DC  C5     C N N 55  
DC  C6     C N N 56  
DC  HOP3   H N N 57  
DC  HOP2   H N N 58  
DC  "H5'"  H N N 59  
DC  "H5''" H N N 60  
DC  "H4'"  H N N 61  
DC  "H3'"  H N N 62  
DC  "HO3'" H N N 63  
DC  "H2'"  H N N 64  
DC  "H2''" H N N 65  
DC  "H1'"  H N N 66  
DC  H41    H N N 67  
DC  H42    H N N 68  
DC  H5     H N N 69  
DC  H6     H N N 70  
DG  OP3    O N N 71  
DG  P      P N N 72  
DG  OP1    O N N 73  
DG  OP2    O N N 74  
DG  "O5'"  O N N 75  
DG  "C5'"  C N N 76  
DG  "C4'"  C N R 77  
DG  "O4'"  O N N 78  
DG  "C3'"  C N S 79  
DG  "O3'"  O N N 80  
DG  "C2'"  C N N 81  
DG  "C1'"  C N R 82  
DG  N9     N Y N 83  
DG  C8     C Y N 84  
DG  N7     N Y N 85  
DG  C5     C Y N 86  
DG  C6     C N N 87  
DG  O6     O N N 88  
DG  N1     N N N 89  
DG  C2     C N N 90  
DG  N2     N N N 91  
DG  N3     N N N 92  
DG  C4     C Y N 93  
DG  HOP3   H N N 94  
DG  HOP2   H N N 95  
DG  "H5'"  H N N 96  
DG  "H5''" H N N 97  
DG  "H4'"  H N N 98  
DG  "H3'"  H N N 99  
DG  "HO3'" H N N 100 
DG  "H2'"  H N N 101 
DG  "H2''" H N N 102 
DG  "H1'"  H N N 103 
DG  H8     H N N 104 
DG  H1     H N N 105 
DG  H21    H N N 106 
DG  H22    H N N 107 
DT  OP3    O N N 108 
DT  P      P N N 109 
DT  OP1    O N N 110 
DT  OP2    O N N 111 
DT  "O5'"  O N N 112 
DT  "C5'"  C N N 113 
DT  "C4'"  C N R 114 
DT  "O4'"  O N N 115 
DT  "C3'"  C N S 116 
DT  "O3'"  O N N 117 
DT  "C2'"  C N N 118 
DT  "C1'"  C N R 119 
DT  N1     N N N 120 
DT  C2     C N N 121 
DT  O2     O N N 122 
DT  N3     N N N 123 
DT  C4     C N N 124 
DT  O4     O N N 125 
DT  C5     C N N 126 
DT  C7     C N N 127 
DT  C6     C N N 128 
DT  HOP3   H N N 129 
DT  HOP2   H N N 130 
DT  "H5'"  H N N 131 
DT  "H5''" H N N 132 
DT  "H4'"  H N N 133 
DT  "H3'"  H N N 134 
DT  "HO3'" H N N 135 
DT  "H2'"  H N N 136 
DT  "H2''" H N N 137 
DT  "H1'"  H N N 138 
DT  H3     H N N 139 
DT  H71    H N N 140 
DT  H72    H N N 141 
DT  H73    H N N 142 
DT  H6     H N N 143 
DVA N      N N N 144 
DVA CA     C N R 145 
DVA CB     C N N 146 
DVA CG1    C N N 147 
DVA CG2    C N N 148 
DVA C      C N N 149 
DVA O      O N N 150 
DVA OXT    O N N 151 
DVA H      H N N 152 
DVA H2     H N N 153 
DVA HA     H N N 154 
DVA HB     H N N 155 
DVA HG11   H N N 156 
DVA HG12   H N N 157 
DVA HG13   H N N 158 
DVA HG21   H N N 159 
DVA HG22   H N N 160 
DVA HG23   H N N 161 
DVA HXT    H N N 162 
HOH O      O N N 163 
HOH H1     H N N 164 
HOH H2     H N N 165 
MVA N      N N N 166 
MVA CN     C N N 167 
MVA CA     C N S 168 
MVA CB     C N N 169 
MVA CG1    C N N 170 
MVA CG2    C N N 171 
MVA C      C N N 172 
MVA O      O N N 173 
MVA OXT    O N N 174 
MVA H      H N N 175 
MVA HN1    H N N 176 
MVA HN2    H N N 177 
MVA HN3    H N N 178 
MVA HA     H N N 179 
MVA HB     H N N 180 
MVA HG11   H N N 181 
MVA HG12   H N N 182 
MVA HG13   H N N 183 
MVA HG21   H N N 184 
MVA HG22   H N N 185 
MVA HG23   H N N 186 
MVA HXT    H N N 187 
PRO N      N N N 188 
PRO CA     C N S 189 
PRO C      C N N 190 
PRO O      O N N 191 
PRO CB     C N N 192 
PRO CG     C N N 193 
PRO CD     C N N 194 
PRO OXT    O N N 195 
PRO H      H N N 196 
PRO HA     H N N 197 
PRO HB2    H N N 198 
PRO HB3    H N N 199 
PRO HG2    H N N 200 
PRO HG3    H N N 201 
PRO HD2    H N N 202 
PRO HD3    H N N 203 
PRO HXT    H N N 204 
PXZ C1     C N N 205 
PXZ C0     C N N 206 
PXZ O1     O N N 207 
PXZ C2     C N N 208 
PXZ N2     N N N 209 
PXZ C3     C N N 210 
PXZ O3     O N N 211 
PXZ C4     C N N 212 
PXZ O5     O N N 213 
PXZ C6     C Y N 214 
PXZ C7     C Y N 215 
PXZ C8     C Y N 216 
PXZ C9     C Y N 217 
PXZ "C0'"  C N N 218 
PXZ "O1'"  O N N 219 
PXZ N10    N N N 220 
PXZ C11    C N N 221 
PXZ C12    C N N 222 
PXZ C13    C Y N 223 
PXZ C14    C Y N 224 
PXZ C15    C N N 225 
PXZ C16    C N N 226 
PXZ HN21   H N N 227 
PXZ HN22   H N N 228 
PXZ H7     H N N 229 
PXZ H8     H N N 230 
PXZ H151   H N N 231 
PXZ H152   H N N 232 
PXZ H153   H N N 233 
PXZ H161   H N N 234 
PXZ H162   H N N 235 
PXZ H163   H N N 236 
PXZ "OXT'" O N N 237 
PXZ OXT    O N N 238 
PXZ "HXT'" H N N 239 
PXZ HXT    H N N 240 
SAR N      N N N 241 
SAR CA     C N N 242 
SAR C      C N N 243 
SAR O      O N N 244 
SAR CN     C N N 245 
SAR OXT    O N N 246 
SAR H      H N N 247 
SAR HA2    H N N 248 
SAR HA3    H N N 249 
SAR HN1    H N N 250 
SAR HN2    H N N 251 
SAR HN3    H N N 252 
SAR HXT    H N N 253 
THR N      N N N 254 
THR CA     C N S 255 
THR C      C N N 256 
THR O      O N N 257 
THR CB     C N R 258 
THR OG1    O N N 259 
THR CG2    C N N 260 
THR OXT    O N N 261 
THR H      H N N 262 
THR H2     H N N 263 
THR HA     H N N 264 
THR HB     H N N 265 
THR HG1    H N N 266 
THR HG21   H N N 267 
THR HG22   H N N 268 
THR HG23   H N N 269 
THR HXT    H N N 270 
# 
loop_
_chem_comp_bond.comp_id 
_chem_comp_bond.atom_id_1 
_chem_comp_bond.atom_id_2 
_chem_comp_bond.value_order 
_chem_comp_bond.pdbx_aromatic_flag 
_chem_comp_bond.pdbx_stereo_config 
_chem_comp_bond.pdbx_ordinal 
DA  OP3    P      sing N N 1   
DA  OP3    HOP3   sing N N 2   
DA  P      OP1    doub N N 3   
DA  P      OP2    sing N N 4   
DA  P      "O5'"  sing N N 5   
DA  OP2    HOP2   sing N N 6   
DA  "O5'"  "C5'"  sing N N 7   
DA  "C5'"  "C4'"  sing N N 8   
DA  "C5'"  "H5'"  sing N N 9   
DA  "C5'"  "H5''" sing N N 10  
DA  "C4'"  "O4'"  sing N N 11  
DA  "C4'"  "C3'"  sing N N 12  
DA  "C4'"  "H4'"  sing N N 13  
DA  "O4'"  "C1'"  sing N N 14  
DA  "C3'"  "O3'"  sing N N 15  
DA  "C3'"  "C2'"  sing N N 16  
DA  "C3'"  "H3'"  sing N N 17  
DA  "O3'"  "HO3'" sing N N 18  
DA  "C2'"  "C1'"  sing N N 19  
DA  "C2'"  "H2'"  sing N N 20  
DA  "C2'"  "H2''" sing N N 21  
DA  "C1'"  N9     sing N N 22  
DA  "C1'"  "H1'"  sing N N 23  
DA  N9     C8     sing Y N 24  
DA  N9     C4     sing Y N 25  
DA  C8     N7     doub Y N 26  
DA  C8     H8     sing N N 27  
DA  N7     C5     sing Y N 28  
DA  C5     C6     sing Y N 29  
DA  C5     C4     doub Y N 30  
DA  C6     N6     sing N N 31  
DA  C6     N1     doub Y N 32  
DA  N6     H61    sing N N 33  
DA  N6     H62    sing N N 34  
DA  N1     C2     sing Y N 35  
DA  C2     N3     doub Y N 36  
DA  C2     H2     sing N N 37  
DA  N3     C4     sing Y N 38  
DC  OP3    P      sing N N 39  
DC  OP3    HOP3   sing N N 40  
DC  P      OP1    doub N N 41  
DC  P      OP2    sing N N 42  
DC  P      "O5'"  sing N N 43  
DC  OP2    HOP2   sing N N 44  
DC  "O5'"  "C5'"  sing N N 45  
DC  "C5'"  "C4'"  sing N N 46  
DC  "C5'"  "H5'"  sing N N 47  
DC  "C5'"  "H5''" sing N N 48  
DC  "C4'"  "O4'"  sing N N 49  
DC  "C4'"  "C3'"  sing N N 50  
DC  "C4'"  "H4'"  sing N N 51  
DC  "O4'"  "C1'"  sing N N 52  
DC  "C3'"  "O3'"  sing N N 53  
DC  "C3'"  "C2'"  sing N N 54  
DC  "C3'"  "H3'"  sing N N 55  
DC  "O3'"  "HO3'" sing N N 56  
DC  "C2'"  "C1'"  sing N N 57  
DC  "C2'"  "H2'"  sing N N 58  
DC  "C2'"  "H2''" sing N N 59  
DC  "C1'"  N1     sing N N 60  
DC  "C1'"  "H1'"  sing N N 61  
DC  N1     C2     sing N N 62  
DC  N1     C6     sing N N 63  
DC  C2     O2     doub N N 64  
DC  C2     N3     sing N N 65  
DC  N3     C4     doub N N 66  
DC  C4     N4     sing N N 67  
DC  C4     C5     sing N N 68  
DC  N4     H41    sing N N 69  
DC  N4     H42    sing N N 70  
DC  C5     C6     doub N N 71  
DC  C5     H5     sing N N 72  
DC  C6     H6     sing N N 73  
DG  OP3    P      sing N N 74  
DG  OP3    HOP3   sing N N 75  
DG  P      OP1    doub N N 76  
DG  P      OP2    sing N N 77  
DG  P      "O5'"  sing N N 78  
DG  OP2    HOP2   sing N N 79  
DG  "O5'"  "C5'"  sing N N 80  
DG  "C5'"  "C4'"  sing N N 81  
DG  "C5'"  "H5'"  sing N N 82  
DG  "C5'"  "H5''" sing N N 83  
DG  "C4'"  "O4'"  sing N N 84  
DG  "C4'"  "C3'"  sing N N 85  
DG  "C4'"  "H4'"  sing N N 86  
DG  "O4'"  "C1'"  sing N N 87  
DG  "C3'"  "O3'"  sing N N 88  
DG  "C3'"  "C2'"  sing N N 89  
DG  "C3'"  "H3'"  sing N N 90  
DG  "O3'"  "HO3'" sing N N 91  
DG  "C2'"  "C1'"  sing N N 92  
DG  "C2'"  "H2'"  sing N N 93  
DG  "C2'"  "H2''" sing N N 94  
DG  "C1'"  N9     sing N N 95  
DG  "C1'"  "H1'"  sing N N 96  
DG  N9     C8     sing Y N 97  
DG  N9     C4     sing Y N 98  
DG  C8     N7     doub Y N 99  
DG  C8     H8     sing N N 100 
DG  N7     C5     sing Y N 101 
DG  C5     C6     sing N N 102 
DG  C5     C4     doub Y N 103 
DG  C6     O6     doub N N 104 
DG  C6     N1     sing N N 105 
DG  N1     C2     sing N N 106 
DG  N1     H1     sing N N 107 
DG  C2     N2     sing N N 108 
DG  C2     N3     doub N N 109 
DG  N2     H21    sing N N 110 
DG  N2     H22    sing N N 111 
DG  N3     C4     sing N N 112 
DT  OP3    P      sing N N 113 
DT  OP3    HOP3   sing N N 114 
DT  P      OP1    doub N N 115 
DT  P      OP2    sing N N 116 
DT  P      "O5'"  sing N N 117 
DT  OP2    HOP2   sing N N 118 
DT  "O5'"  "C5'"  sing N N 119 
DT  "C5'"  "C4'"  sing N N 120 
DT  "C5'"  "H5'"  sing N N 121 
DT  "C5'"  "H5''" sing N N 122 
DT  "C4'"  "O4'"  sing N N 123 
DT  "C4'"  "C3'"  sing N N 124 
DT  "C4'"  "H4'"  sing N N 125 
DT  "O4'"  "C1'"  sing N N 126 
DT  "C3'"  "O3'"  sing N N 127 
DT  "C3'"  "C2'"  sing N N 128 
DT  "C3'"  "H3'"  sing N N 129 
DT  "O3'"  "HO3'" sing N N 130 
DT  "C2'"  "C1'"  sing N N 131 
DT  "C2'"  "H2'"  sing N N 132 
DT  "C2'"  "H2''" sing N N 133 
DT  "C1'"  N1     sing N N 134 
DT  "C1'"  "H1'"  sing N N 135 
DT  N1     C2     sing N N 136 
DT  N1     C6     sing N N 137 
DT  C2     O2     doub N N 138 
DT  C2     N3     sing N N 139 
DT  N3     C4     sing N N 140 
DT  N3     H3     sing N N 141 
DT  C4     O4     doub N N 142 
DT  C4     C5     sing N N 143 
DT  C5     C7     sing N N 144 
DT  C5     C6     doub N N 145 
DT  C7     H71    sing N N 146 
DT  C7     H72    sing N N 147 
DT  C7     H73    sing N N 148 
DT  C6     H6     sing N N 149 
DVA N      CA     sing N N 150 
DVA N      H      sing N N 151 
DVA N      H2     sing N N 152 
DVA CA     CB     sing N N 153 
DVA CA     C      sing N N 154 
DVA CA     HA     sing N N 155 
DVA CB     CG1    sing N N 156 
DVA CB     CG2    sing N N 157 
DVA CB     HB     sing N N 158 
DVA CG1    HG11   sing N N 159 
DVA CG1    HG12   sing N N 160 
DVA CG1    HG13   sing N N 161 
DVA CG2    HG21   sing N N 162 
DVA CG2    HG22   sing N N 163 
DVA CG2    HG23   sing N N 164 
DVA C      O      doub N N 165 
DVA C      OXT    sing N N 166 
DVA OXT    HXT    sing N N 167 
HOH O      H1     sing N N 168 
HOH O      H2     sing N N 169 
MVA N      CN     sing N N 170 
MVA N      CA     sing N N 171 
MVA N      H      sing N N 172 
MVA CN     HN1    sing N N 173 
MVA CN     HN2    sing N N 174 
MVA CN     HN3    sing N N 175 
MVA CA     CB     sing N N 176 
MVA CA     C      sing N N 177 
MVA CA     HA     sing N N 178 
MVA CB     CG1    sing N N 179 
MVA CB     CG2    sing N N 180 
MVA CB     HB     sing N N 181 
MVA CG1    HG11   sing N N 182 
MVA CG1    HG12   sing N N 183 
MVA CG1    HG13   sing N N 184 
MVA CG2    HG21   sing N N 185 
MVA CG2    HG22   sing N N 186 
MVA CG2    HG23   sing N N 187 
MVA C      O      doub N N 188 
MVA C      OXT    sing N N 189 
MVA OXT    HXT    sing N N 190 
PRO N      CA     sing N N 191 
PRO N      CD     sing N N 192 
PRO N      H      sing N N 193 
PRO CA     C      sing N N 194 
PRO CA     CB     sing N N 195 
PRO CA     HA     sing N N 196 
PRO C      O      doub N N 197 
PRO C      OXT    sing N N 198 
PRO CB     CG     sing N N 199 
PRO CB     HB2    sing N N 200 
PRO CB     HB3    sing N N 201 
PRO CG     CD     sing N N 202 
PRO CG     HG2    sing N N 203 
PRO CG     HG3    sing N N 204 
PRO CD     HD2    sing N N 205 
PRO CD     HD3    sing N N 206 
PRO OXT    HXT    sing N N 207 
PXZ C1     C0     sing N N 208 
PXZ C1     C2     doub N N 209 
PXZ C1     C11    sing N N 210 
PXZ C0     O1     doub N N 211 
PXZ C2     N2     sing N N 212 
PXZ C2     C3     sing N N 213 
PXZ N2     HN21   sing N N 214 
PXZ N2     HN22   sing N N 215 
PXZ C3     O3     doub N N 216 
PXZ C3     C4     sing N N 217 
PXZ C4     C12    doub N N 218 
PXZ C4     C15    sing N N 219 
PXZ O5     C12    sing N N 220 
PXZ O5     C13    sing N N 221 
PXZ C6     C7     doub Y N 222 
PXZ C6     C13    sing Y N 223 
PXZ C6     C16    sing N N 224 
PXZ C7     C8     sing Y N 225 
PXZ C7     H7     sing N N 226 
PXZ C8     C9     doub Y N 227 
PXZ C8     H8     sing N N 228 
PXZ C9     "C0'"  sing N N 229 
PXZ C9     C14    sing Y N 230 
PXZ "C0'"  "O1'"  doub N N 231 
PXZ N10    C11    doub N N 232 
PXZ N10    C14    sing N N 233 
PXZ C11    C12    sing N N 234 
PXZ C13    C14    doub Y N 235 
PXZ C15    H151   sing N N 236 
PXZ C15    H152   sing N N 237 
PXZ C15    H153   sing N N 238 
PXZ C16    H161   sing N N 239 
PXZ C16    H162   sing N N 240 
PXZ C16    H163   sing N N 241 
PXZ "C0'"  "OXT'" sing N N 242 
PXZ C0     OXT    sing N N 243 
PXZ "OXT'" "HXT'" sing N N 244 
PXZ OXT    HXT    sing N N 245 
SAR N      CA     sing N N 246 
SAR N      CN     sing N N 247 
SAR N      H      sing N N 248 
SAR CA     C      sing N N 249 
SAR CA     HA2    sing N N 250 
SAR CA     HA3    sing N N 251 
SAR C      O      doub N N 252 
SAR C      OXT    sing N N 253 
SAR CN     HN1    sing N N 254 
SAR CN     HN2    sing N N 255 
SAR CN     HN3    sing N N 256 
SAR OXT    HXT    sing N N 257 
THR N      CA     sing N N 258 
THR N      H      sing N N 259 
THR N      H2     sing N N 260 
THR CA     C      sing N N 261 
THR CA     CB     sing N N 262 
THR CA     HA     sing N N 263 
THR C      O      doub N N 264 
THR C      OXT    sing N N 265 
THR CB     OG1    sing N N 266 
THR CB     CG2    sing N N 267 
THR CB     HB     sing N N 268 
THR OG1    HG1    sing N N 269 
THR CG2    HG21   sing N N 270 
THR CG2    HG22   sing N N 271 
THR CG2    HG23   sing N N 272 
THR OXT    HXT    sing N N 273 
# 
loop_
_ndb_struct_conf_na.entry_id 
_ndb_struct_conf_na.feature 
1MNV 'b-form double helix'  
1MNV 'mismatched base pair' 
# 
loop_
_ndb_struct_na_base_pair.model_number 
_ndb_struct_na_base_pair.i_label_asym_id 
_ndb_struct_na_base_pair.i_label_comp_id 
_ndb_struct_na_base_pair.i_label_seq_id 
_ndb_struct_na_base_pair.i_symmetry 
_ndb_struct_na_base_pair.j_label_asym_id 
_ndb_struct_na_base_pair.j_label_comp_id 
_ndb_struct_na_base_pair.j_label_seq_id 
_ndb_struct_na_base_pair.j_symmetry 
_ndb_struct_na_base_pair.shear 
_ndb_struct_na_base_pair.stretch 
_ndb_struct_na_base_pair.stagger 
_ndb_struct_na_base_pair.buckle 
_ndb_struct_na_base_pair.propeller 
_ndb_struct_na_base_pair.opening 
_ndb_struct_na_base_pair.pair_number 
_ndb_struct_na_base_pair.pair_name 
_ndb_struct_na_base_pair.i_auth_asym_id 
_ndb_struct_na_base_pair.i_auth_seq_id 
_ndb_struct_na_base_pair.i_PDB_ins_code 
_ndb_struct_na_base_pair.j_auth_asym_id 
_ndb_struct_na_base_pair.j_auth_seq_id 
_ndb_struct_na_base_pair.j_PDB_ins_code 
_ndb_struct_na_base_pair.hbond_type_28 
_ndb_struct_na_base_pair.hbond_type_12 
1 A DA 1 1_555 B DT 9 1_555 -0.659 -0.924 0.662 5.034   -1.532 -2.872 1 A_DA1:DT18_B A 1 ? B 18 ? 20 1 
1 A DT 2 1_555 B DA 8 1_555 -0.558 -0.455 0.473 -12.677 -8.812 -4.384 2 A_DT2:DA17_B A 2 ? B 17 ? 20 1 
1 A DG 3 1_555 B DC 7 1_555 -0.218 -0.348 0.548 9.277   18.002 -8.448 3 A_DG3:DC16_B A 3 ? B 16 ? 19 1 
1 A DC 4 1_555 B DG 6 1_555 0.158  -0.134 0.274 -4.320  8.185  -7.061 4 A_DC4:DG15_B A 4 ? B 15 ? 19 1 
1 A DT 5 1_555 B DT 5 1_555 2.252  -1.470 0.057 -1.513  11.677 24.570 5 A_DT5:DT14_B A 5 ? B 14 ? 16 1 
1 A DG 6 1_555 B DC 4 1_555 -0.773 -0.226 0.843 18.115  17.041 -4.619 6 A_DG6:DC13_B A 6 ? B 13 ? 19 1 
1 A DC 7 1_555 B DG 3 1_555 -0.263 -0.483 0.162 -8.657  13.713 1.850  7 A_DC7:DG12_B A 7 ? B 12 ? 19 1 
1 A DA 8 1_555 B DT 2 1_555 0.640  -0.393 0.049 2.361   -7.965 -3.548 8 A_DA8:DT11_B A 8 ? B 11 ? 20 1 
1 A DT 9 1_555 B DA 1 1_555 0.691  -0.603 0.517 -8.133  2.127  -2.172 9 A_DT9:DA10_B A 9 ? B 10 ? 20 1 
# 
loop_
_ndb_struct_na_base_pair_step.model_number 
_ndb_struct_na_base_pair_step.i_label_asym_id_1 
_ndb_struct_na_base_pair_step.i_label_comp_id_1 
_ndb_struct_na_base_pair_step.i_label_seq_id_1 
_ndb_struct_na_base_pair_step.i_symmetry_1 
_ndb_struct_na_base_pair_step.j_label_asym_id_1 
_ndb_struct_na_base_pair_step.j_label_comp_id_1 
_ndb_struct_na_base_pair_step.j_label_seq_id_1 
_ndb_struct_na_base_pair_step.j_symmetry_1 
_ndb_struct_na_base_pair_step.i_label_asym_id_2 
_ndb_struct_na_base_pair_step.i_label_comp_id_2 
_ndb_struct_na_base_pair_step.i_label_seq_id_2 
_ndb_struct_na_base_pair_step.i_symmetry_2 
_ndb_struct_na_base_pair_step.j_label_asym_id_2 
_ndb_struct_na_base_pair_step.j_label_comp_id_2 
_ndb_struct_na_base_pair_step.j_label_seq_id_2 
_ndb_struct_na_base_pair_step.j_symmetry_2 
_ndb_struct_na_base_pair_step.shift 
_ndb_struct_na_base_pair_step.slide 
_ndb_struct_na_base_pair_step.rise 
_ndb_struct_na_base_pair_step.tilt 
_ndb_struct_na_base_pair_step.roll 
_ndb_struct_na_base_pair_step.twist 
_ndb_struct_na_base_pair_step.x_displacement 
_ndb_struct_na_base_pair_step.y_displacement 
_ndb_struct_na_base_pair_step.helical_rise 
_ndb_struct_na_base_pair_step.inclination 
_ndb_struct_na_base_pair_step.tip 
_ndb_struct_na_base_pair_step.helical_twist 
_ndb_struct_na_base_pair_step.step_number 
_ndb_struct_na_base_pair_step.step_name 
_ndb_struct_na_base_pair_step.i_auth_asym_id_1 
_ndb_struct_na_base_pair_step.i_auth_seq_id_1 
_ndb_struct_na_base_pair_step.i_PDB_ins_code_1 
_ndb_struct_na_base_pair_step.j_auth_asym_id_1 
_ndb_struct_na_base_pair_step.j_auth_seq_id_1 
_ndb_struct_na_base_pair_step.j_PDB_ins_code_1 
_ndb_struct_na_base_pair_step.i_auth_asym_id_2 
_ndb_struct_na_base_pair_step.i_auth_seq_id_2 
_ndb_struct_na_base_pair_step.i_PDB_ins_code_2 
_ndb_struct_na_base_pair_step.j_auth_asym_id_2 
_ndb_struct_na_base_pair_step.j_auth_seq_id_2 
_ndb_struct_na_base_pair_step.j_PDB_ins_code_2 
1 A DA 1 1_555 B DT 9 1_555 A DT 2 1_555 B DA 8 1_555 -0.238 -0.180 3.922 2.489  -0.381 30.893 -0.248 1.019  3.893 -0.714 -4.662 
30.993 1 AA_DA1DT2:DA17DT18_BB A 1 ? B 18 ? A 2 ? B 17 ? 
1 A DT 2 1_555 B DA 8 1_555 A DG 3 1_555 B DC 7 1_555 0.848  1.699  3.053 0.648  3.075  34.790 2.385  -1.319 3.202 5.131  -1.081 
34.927 2 AA_DT2DG3:DC16DA17_BB A 2 ? B 17 ? A 3 ? B 16 ? 
1 A DC 4 1_555 B DG 6 1_555 A DT 5 1_555 B DT 5 1_555 1.679  2.232  3.598 4.655  23.550 30.505 -0.626 -1.747 4.386 38.204 -7.551 
38.641 3 AA_DC4DT5:DT14DG15_BB A 4 ? B 15 ? A 5 ? B 14 ? 
1 A DT 5 1_555 B DT 5 1_555 A DG 6 1_555 B DC 4 1_555 -1.056 1.190  3.201 -3.638 7.434  12.013 -2.672 0.560  3.506 31.135 15.234 
14.579 4 AA_DT5DG6:DC13DT14_BB A 5 ? B 14 ? A 6 ? B 13 ? 
1 A DC 7 1_555 B DG 3 1_555 A DA 8 1_555 B DT 2 1_555 -0.978 2.474  3.325 -0.462 4.887  51.934 2.473  1.081  3.536 5.567  0.526  
52.149 5 AA_DC7DA8:DT11DG12_BB A 7 ? B 12 ? A 8 ? B 11 ? 
1 A DA 8 1_555 B DT 2 1_555 A DT 9 1_555 B DA 1 1_555 0.050  -0.269 3.651 -2.274 4.048  24.945 -1.909 -0.843 3.545 9.268  5.207  
25.367 6 AA_DA8DT9:DA10DT11_BB A 8 ? B 11 ? A 9 ? B 10 ? 
# 
_atom_sites.entry_id                    1MNV 
_atom_sites.fract_transf_matrix[1][1]   -0.00635530 
_atom_sites.fract_transf_matrix[1][2]   0.00958484 
_atom_sites.fract_transf_matrix[1][3]   -0.02156954 
_atom_sites.fract_transf_matrix[2][1]   -0.00933528 
_atom_sites.fract_transf_matrix[2][2]   -0.01432666 
_atom_sites.fract_transf_matrix[2][3]   -0.01746596 
_atom_sites.fract_transf_matrix[3][1]   -0.01325789 
_atom_sites.fract_transf_matrix[3][2]   0.00251441 
_atom_sites.fract_transf_matrix[3][3]   0.00502366 
_atom_sites.fract_transf_vector[1]      0.336319 
_atom_sites.fract_transf_vector[2]      0.202695 
_atom_sites.fract_transf_vector[3]      0.075340 
# 
loop_
_atom_type.symbol 
C 
N 
O 
P 
# 
loop_
_atom_site.group_PDB 
_atom_site.id 
_atom_site.type_symbol 
_atom_site.label_atom_id 
_atom_site.label_alt_id 
_atom_site.label_comp_id 
_atom_site.label_asym_id 
_atom_site.label_entity_id 
_atom_site.label_seq_id 
_atom_site.pdbx_PDB_ins_code 
_atom_site.Cartn_x 
_atom_site.Cartn_y 
_atom_site.Cartn_z 
_atom_site.occupancy 
_atom_site.B_iso_or_equiv 
_atom_site.pdbx_formal_charge 
_atom_site.auth_seq_id 
_atom_site.auth_comp_id 
_atom_site.auth_asym_id 
_atom_site.auth_atom_id 
_atom_site.pdbx_PDB_model_num 
ATOM   1   O "O5'" . DA  A 1 1  ? -7.365  13.652  17.964  1.00 65.26  ? 1    DA  A "O5'" 1 
ATOM   2   C "C5'" . DA  A 1 1  ? -6.002  13.615  17.507  1.00 57.68  ? 1    DA  A "C5'" 1 
ATOM   3   C "C4'" . DA  A 1 1  ? -5.755  13.847  15.982  1.00 60.08  ? 1    DA  A "C4'" 1 
ATOM   4   O "O4'" . DA  A 1 1  ? -4.326  14.020  15.709  1.00 56.13  ? 1    DA  A "O4'" 1 
ATOM   5   C "C3'" . DA  A 1 1  ? -6.202  12.647  15.138  1.00 61.01  ? 1    DA  A "C3'" 1 
ATOM   6   O "O3'" . DA  A 1 1  ? -7.205  12.954  14.158  1.00 67.51  ? 1    DA  A "O3'" 1 
ATOM   7   C "C2'" . DA  A 1 1  ? -4.963  12.144  14.386  1.00 58.93  ? 1    DA  A "C2'" 1 
ATOM   8   C "C1'" . DA  A 1 1  ? -3.779  13.031  14.786  1.00 49.23  ? 1    DA  A "C1'" 1 
ATOM   9   N N9    . DA  A 1 1  ? -2.754  12.110  15.366  1.00 38.06  ? 1    DA  A N9    1 
ATOM   10  C C8    . DA  A 1 1  ? -2.948  10.957  16.141  1.00 31.67  ? 1    DA  A C8    1 
ATOM   11  N N7    . DA  A 1 1  ? -1.817  10.420  16.549  1.00 30.56  ? 1    DA  A N7    1 
ATOM   12  C C5    . DA  A 1 1  ? -0.845  11.165  15.884  1.00 20.03  ? 1    DA  A C5    1 
ATOM   13  C C6    . DA  A 1 1  ? 0.524   11.077  15.886  1.00 23.96  ? 1    DA  A C6    1 
ATOM   14  N N6    . DA  A 1 1  ? 1.173   10.275  16.726  1.00 21.30  ? 1    DA  A N6    1 
ATOM   15  N N1    . DA  A 1 1  ? 1.173   11.993  15.141  1.00 25.47  ? 1    DA  A N1    1 
ATOM   16  C C2    . DA  A 1 1  ? 0.500   12.849  14.352  1.00 27.77  ? 1    DA  A C2    1 
ATOM   17  N N3    . DA  A 1 1  ? -0.825  13.065  14.340  1.00 28.46  ? 1    DA  A N3    1 
ATOM   18  C C4    . DA  A 1 1  ? -1.409  12.212  15.201  1.00 28.59  ? 1    DA  A C4    1 
ATOM   19  P P     . DT  A 1 2  ? -7.135  14.164  13.011  1.00 73.04  ? 2    DT  A P     1 
ATOM   20  O OP1   . DT  A 1 2  ? -7.418  15.430  13.750  1.00 74.40  ? 2    DT  A OP1   1 
ATOM   21  O OP2   . DT  A 1 2  ? -8.046  13.674  11.928  1.00 66.78  ? 2    DT  A OP2   1 
ATOM   22  O "O5'" . DT  A 1 2  ? -5.658  14.157  12.430  1.00 59.79  ? 2    DT  A "O5'" 1 
ATOM   23  C "C5'" . DT  A 1 2  ? -5.506  14.375  11.039  1.00 50.56  ? 2    DT  A "C5'" 1 
ATOM   24  C "C4'" . DT  A 1 2  ? -4.095  14.216  10.582  1.00 45.62  ? 2    DT  A "C4'" 1 
ATOM   25  O "O4'" . DT  A 1 2  ? -3.543  13.188  11.400  1.00 40.15  ? 2    DT  A "O4'" 1 
ATOM   26  C "C3'" . DT  A 1 2  ? -3.960  13.580  9.237   1.00 41.30  ? 2    DT  A "C3'" 1 
ATOM   27  O "O3'" . DT  A 1 2  ? -4.083  14.580  8.273   1.00 50.04  ? 2    DT  A "O3'" 1 
ATOM   28  C "C2'" . DT  A 1 2  ? -2.577  12.881  9.319   1.00 36.29  ? 2    DT  A "C2'" 1 
ATOM   29  C "C1'" . DT  A 1 2  ? -2.285  12.840  10.775  1.00 28.40  ? 2    DT  A "C1'" 1 
ATOM   30  N N1    . DT  A 1 2  ? -2.030  11.597  11.371  1.00 17.26  ? 2    DT  A N1    1 
ATOM   31  C C2    . DT  A 1 2  ? -0.792  11.267  11.441  1.00 20.59  ? 2    DT  A C2    1 
ATOM   32  O O2    . DT  A 1 2  ? 0.052   11.904  10.864  1.00 29.12  ? 2    DT  A O2    1 
ATOM   33  N N3    . DT  A 1 2  ? -0.483  10.186  12.136  1.00 19.74  ? 2    DT  A N3    1 
ATOM   34  C C4    . DT  A 1 2  ? -1.354  9.371   12.749  1.00 22.05  ? 2    DT  A C4    1 
ATOM   35  O O4    . DT  A 1 2  ? -0.975  8.409   13.388  1.00 27.74  ? 2    DT  A O4    1 
ATOM   36  C C5    . DT  A 1 2  ? -2.685  9.814   12.659  1.00 20.20  ? 2    DT  A C5    1 
ATOM   37  C C7    . DT  A 1 2  ? -3.829  8.970   13.199  1.00 26.77  ? 2    DT  A C7    1 
ATOM   38  C C6    . DT  A 1 2  ? -2.961  10.936  12.058  1.00 19.05  ? 2    DT  A C6    1 
ATOM   39  P P     . DG  A 1 3  ? -4.440  14.141  6.756   1.00 62.98  ? 3    DG  A P     1 
ATOM   40  O OP1   . DG  A 1 3  ? -4.334  15.269  5.817   1.00 68.30  ? 3    DG  A OP1   1 
ATOM   41  O OP2   . DG  A 1 3  ? -5.643  13.253  6.737   1.00 62.69  ? 3    DG  A OP2   1 
ATOM   42  O "O5'" . DG  A 1 3  ? -3.096  13.260  6.522   1.00 61.83  ? 3    DG  A "O5'" 1 
ATOM   43  C "C5'" . DG  A 1 3  ? -1.940  13.749  5.797   1.00 51.79  ? 3    DG  A "C5'" 1 
ATOM   44  C "C4'" . DG  A 1 3  ? -1.486  12.654  4.868   1.00 50.05  ? 3    DG  A "C4'" 1 
ATOM   45  O "O4'" . DG  A 1 3  ? -1.027  11.533  5.639   1.00 44.27  ? 3    DG  A "O4'" 1 
ATOM   46  C "C3'" . DG  A 1 3  ? -2.701  12.163  4.073   1.00 45.23  ? 3    DG  A "C3'" 1 
ATOM   47  O "O3'" . DG  A 1 3  ? -2.174  11.545  2.960   1.00 47.90  ? 3    DG  A "O3'" 1 
ATOM   48  C "C2'" . DG  A 1 3  ? -3.256  11.075  4.882   1.00 41.56  ? 3    DG  A "C2'" 1 
ATOM   49  C "C1'" . DG  A 1 3  ? -2.015  10.539  5.603   1.00 36.87  ? 3    DG  A "C1'" 1 
ATOM   50  N N9    . DG  A 1 3  ? -2.309  10.192  6.956   1.00 23.49  ? 3    DG  A N9    1 
ATOM   51  C C8    . DG  A 1 3  ? -3.551  10.132  7.524   1.00 26.04  ? 3    DG  A C8    1 
ATOM   52  N N7    . DG  A 1 3  ? -3.664  9.201   8.448   1.00 28.77  ? 3    DG  A N7    1 
ATOM   53  C C5    . DG  A 1 3  ? -2.294  8.825   8.649   1.00 23.79  ? 3    DG  A C5    1 
ATOM   54  C C6    . DG  A 1 3  ? -1.711  7.910   9.587   1.00 24.57  ? 3    DG  A C6    1 
ATOM   55  O O6    . DG  A 1 3  ? -2.321  7.264   10.428  1.00 20.45  ? 3    DG  A O6    1 
ATOM   56  N N1    . DG  A 1 3  ? -0.353  7.841   9.460   1.00 19.53  ? 3    DG  A N1    1 
ATOM   57  C C2    . DG  A 1 3  ? 0.345   8.497   8.481   1.00 22.78  ? 3    DG  A C2    1 
ATOM   58  N N2    . DG  A 1 3  ? 1.657   8.463   8.541   1.00 24.69  ? 3    DG  A N2    1 
ATOM   59  N N3    . DG  A 1 3  ? -0.218  9.154   7.481   1.00 22.86  ? 3    DG  A N3    1 
ATOM   60  C C4    . DG  A 1 3  ? -1.494  9.428   7.731   1.00 21.24  ? 3    DG  A C4    1 
ATOM   61  P P     . DC  A 1 4  ? -1.909  12.411  1.689   1.00 53.11  ? 4    DC  A P     1 
ATOM   62  O OP1   . DC  A 1 4  ? -0.531  12.927  1.620   1.00 40.35  ? 4    DC  A OP1   1 
ATOM   63  O OP2   . DC  A 1 4  ? -3.091  13.275  1.680   1.00 45.16  ? 4    DC  A OP2   1 
ATOM   64  O "O5'" . DC  A 1 4  ? -2.059  11.432  0.409   1.00 56.74  ? 4    DC  A "O5'" 1 
ATOM   65  C "C5'" . DC  A 1 4  ? -2.856  10.178  0.503   1.00 57.55  ? 4    DC  A "C5'" 1 
ATOM   66  C "C4'" . DC  A 1 4  ? -2.206  9.117   -0.382  1.00 51.29  ? 4    DC  A "C4'" 1 
ATOM   67  O "O4'" . DC  A 1 4  ? -1.908  7.824   0.136   1.00 49.77  ? 4    DC  A "O4'" 1 
ATOM   68  C "C3'" . DC  A 1 4  ? -2.984  8.933   -1.593  1.00 51.12  ? 4    DC  A "C3'" 1 
ATOM   69  O "O3'" . DC  A 1 4  ? -1.870  8.856   -2.491  1.00 47.48  ? 4    DC  A "O3'" 1 
ATOM   70  C "C2'" . DC  A 1 4  ? -3.644  7.636   -1.253  1.00 43.88  ? 4    DC  A "C2'" 1 
ATOM   71  C "C1'" . DC  A 1 4  ? -2.730  6.845   -0.354  1.00 40.42  ? 4    DC  A "C1'" 1 
ATOM   72  N N1    . DC  A 1 4  ? -3.386  6.297   0.826   1.00 33.71  ? 4    DC  A N1    1 
ATOM   73  C C2    . DC  A 1 4  ? -2.680  5.423   1.594   1.00 34.06  ? 4    DC  A C2    1 
ATOM   74  O O2    . DC  A 1 4  ? -1.490  5.266   1.421   1.00 36.74  ? 4    DC  A O2    1 
ATOM   75  N N3    . DC  A 1 4  ? -3.328  4.742   2.571   1.00 35.43  ? 4    DC  A N3    1 
ATOM   76  C C4    . DC  A 1 4  ? -4.664  4.885   2.754   1.00 37.28  ? 4    DC  A C4    1 
ATOM   77  N N4    . DC  A 1 4  ? -5.289  4.375   3.867   1.00 35.95  ? 4    DC  A N4    1 
ATOM   78  C C5    . DC  A 1 4  ? -5.385  5.766   1.873   1.00 34.28  ? 4    DC  A C5    1 
ATOM   79  C C6    . DC  A 1 4  ? -4.653  6.593   1.116   1.00 32.69  ? 4    DC  A C6    1 
ATOM   80  P P     . DT  A 1 5  ? -1.903  8.733   -4.080  1.00 55.18  ? 5    DT  A P     1 
ATOM   81  O OP1   . DT  A 1 5  ? -0.477  9.000   -4.511  1.00 35.98  ? 5    DT  A OP1   1 
ATOM   82  O OP2   . DT  A 1 5  ? -3.136  9.428   -4.581  1.00 33.79  ? 5    DT  A OP2   1 
ATOM   83  O "O5'" . DT  A 1 5  ? -2.112  7.157   -4.282  1.00 56.55  ? 5    DT  A "O5'" 1 
ATOM   84  C "C5'" . DT  A 1 5  ? -1.028  6.175   -4.129  1.00 58.69  ? 5    DT  A "C5'" 1 
ATOM   85  C "C4'" . DT  A 1 5  ? -1.564  4.737   -3.946  1.00 54.66  ? 5    DT  A "C4'" 1 
ATOM   86  O "O4'" . DT  A 1 5  ? -2.386  4.526   -2.793  1.00 53.77  ? 5    DT  A "O4'" 1 
ATOM   87  C "C3'" . DT  A 1 5  ? -2.491  4.437   -5.082  1.00 49.23  ? 5    DT  A "C3'" 1 
ATOM   88  O "O3'" . DT  A 1 5  ? -1.559  4.082   -6.040  1.00 53.23  ? 5    DT  A "O3'" 1 
ATOM   89  C "C2'" . DT  A 1 5  ? -3.286  3.307   -4.591  1.00 41.25  ? 5    DT  A "C2'" 1 
ATOM   90  C "C1'" . DT  A 1 5  ? -3.095  3.312   -3.083  1.00 47.41  ? 5    DT  A "C1'" 1 
ATOM   91  N N1    . DT  A 1 5  ? -4.358  3.474   -2.395  1.00 38.71  ? 5    DT  A N1    1 
ATOM   92  C C2    . DT  A 1 5  ? -4.623  2.796   -1.193  1.00 37.73  ? 5    DT  A C2    1 
ATOM   93  O O2    . DT  A 1 5  ? -3.929  1.900   -0.713  1.00 42.47  ? 5    DT  A O2    1 
ATOM   94  N N3    . DT  A 1 5  ? -5.716  3.211   -0.514  1.00 32.71  ? 5    DT  A N3    1 
ATOM   95  C C4    . DT  A 1 5  ? -6.515  4.218   -0.968  1.00 35.51  ? 5    DT  A C4    1 
ATOM   96  O O4    . DT  A 1 5  ? -7.535  4.448   -0.351  1.00 44.50  ? 5    DT  A O4    1 
ATOM   97  C C5    . DT  A 1 5  ? -6.081  4.901   -2.169  1.00 34.29  ? 5    DT  A C5    1 
ATOM   98  C C7    . DT  A 1 5  ? -6.730  6.107   -2.781  1.00 33.81  ? 5    DT  A C7    1 
ATOM   99  C C6    . DT  A 1 5  ? -5.112  4.457   -2.856  1.00 35.96  ? 5    DT  A C6    1 
ATOM   100 P P     . DG  A 1 6  ? -1.798  4.217   -7.635  1.00 61.81  ? 6    DG  A P     1 
ATOM   101 O OP1   . DG  A 1 6  ? -0.547  4.702   -8.303  1.00 56.22  ? 6    DG  A OP1   1 
ATOM   102 O OP2   . DG  A 1 6  ? -3.132  4.842   -7.871  1.00 46.34  ? 6    DG  A OP2   1 
ATOM   103 O "O5'" . DG  A 1 6  ? -1.851  2.608   -7.908  1.00 59.09  ? 6    DG  A "O5'" 1 
ATOM   104 C "C5'" . DG  A 1 6  ? -0.749  1.660   -7.909  1.00 45.71  ? 6    DG  A "C5'" 1 
ATOM   105 C "C4'" . DG  A 1 6  ? -1.303  0.225   -7.882  1.00 42.59  ? 6    DG  A "C4'" 1 
ATOM   106 O "O4'" . DG  A 1 6  ? -2.272  0.046   -6.849  1.00 38.82  ? 6    DG  A "O4'" 1 
ATOM   107 C "C3'" . DG  A 1 6  ? -2.052  -0.022  -9.126  1.00 40.76  ? 6    DG  A "C3'" 1 
ATOM   108 O "O3'" . DG  A 1 6  ? -1.596  -1.261  -9.533  1.00 51.72  ? 6    DG  A "O3'" 1 
ATOM   109 C "C2'" . DG  A 1 6  ? -3.485  -0.057  -8.789  1.00 40.53  ? 6    DG  A "C2'" 1 
ATOM   110 C "C1'" . DG  A 1 6  ? -3.473  -0.314  -7.349  1.00 30.86  ? 6    DG  A "C1'" 1 
ATOM   111 N N9    . DG  A 1 6  ? -4.379  0.403   -6.528  1.00 26.67  ? 6    DG  A N9    1 
ATOM   112 C C8    . DG  A 1 6  ? -5.173  1.480   -6.763  1.00 25.99  ? 6    DG  A C8    1 
ATOM   113 N N7    . DG  A 1 6  ? -5.939  1.747   -5.720  1.00 32.06  ? 6    DG  A N7    1 
ATOM   114 C C5    . DG  A 1 6  ? -5.561  0.813   -4.722  1.00 27.44  ? 6    DG  A C5    1 
ATOM   115 C C6    . DG  A 1 6  ? -6.069  0.549   -3.391  1.00 31.44  ? 6    DG  A C6    1 
ATOM   116 O O6    . DG  A 1 6  ? -6.832  1.199   -2.657  1.00 28.93  ? 6    DG  A O6    1 
ATOM   117 N N1    . DG  A 1 6  ? -5.626  -0.701  -2.966  1.00 30.53  ? 6    DG  A N1    1 
ATOM   118 C C2    . DG  A 1 6  ? -4.708  -1.488  -3.603  1.00 30.44  ? 6    DG  A C2    1 
ATOM   119 N N2    . DG  A 1 6  ? -4.509  -2.665  -3.064  1.00 30.81  ? 6    DG  A N2    1 
ATOM   120 N N3    . DG  A 1 6  ? -4.091  -1.135  -4.703  1.00 25.76  ? 6    DG  A N3    1 
ATOM   121 C C4    . DG  A 1 6  ? -4.628  -0.029  -5.248  1.00 26.46  ? 6    DG  A C4    1 
ATOM   122 P P     . DC  A 1 7  ? -1.668  -1.597  -11.094 1.00 58.22  ? 7    DC  A P     1 
ATOM   123 O OP1   . DC  A 1 7  ? -0.730  -2.751  -11.242 1.00 57.47  ? 7    DC  A OP1   1 
ATOM   124 O OP2   . DC  A 1 7  ? -1.423  -0.355  -11.884 1.00 56.16  ? 7    DC  A OP2   1 
ATOM   125 O "O5'" . DC  A 1 7  ? -3.249  -2.079  -11.272 1.00 57.73  ? 7    DC  A "O5'" 1 
ATOM   126 C "C5'" . DC  A 1 7  ? -3.743  -2.750  -12.444 1.00 48.73  ? 7    DC  A "C5'" 1 
ATOM   127 C "C4'" . DC  A 1 7  ? -4.180  -4.225  -12.333 1.00 40.85  ? 7    DC  A "C4'" 1 
ATOM   128 O "O4'" . DC  A 1 7  ? -5.279  -4.340  -11.402 1.00 34.37  ? 7    DC  A "O4'" 1 
ATOM   129 C "C3'" . DC  A 1 7  ? -4.771  -4.504  -13.715 1.00 40.57  ? 7    DC  A "C3'" 1 
ATOM   130 O "O3'" . DC  A 1 7  ? -4.781  -5.883  -14.204 1.00 50.51  ? 7    DC  A "O3'" 1 
ATOM   131 C "C2'" . DC  A 1 7  ? -6.179  -3.993  -13.478 1.00 31.66  ? 7    DC  A "C2'" 1 
ATOM   132 C "C1'" . DC  A 1 7  ? -6.518  -4.404  -12.104 1.00 23.79  ? 7    DC  A "C1'" 1 
ATOM   133 N N1    . DC  A 1 7  ? -7.531  -3.636  -11.341 1.00 24.90  ? 7    DC  A N1    1 
ATOM   134 C C2    . DC  A 1 7  ? -7.917  -4.217  -10.147 1.00 30.63  ? 7    DC  A C2    1 
ATOM   135 O O2    . DC  A 1 7  ? -7.285  -5.151  -9.671  1.00 36.34  ? 7    DC  A O2    1 
ATOM   136 N N3    . DC  A 1 7  ? -8.926  -3.681  -9.462  1.00 26.09  ? 7    DC  A N3    1 
ATOM   137 C C4    . DC  A 1 7  ? -9.398  -2.488  -9.795  1.00 27.91  ? 7    DC  A C4    1 
ATOM   138 N N4    . DC  A 1 7  ? -10.356 -1.941  -9.040  1.00 26.00  ? 7    DC  A N4    1 
ATOM   139 C C5    . DC  A 1 7  ? -8.897  -1.778  -10.904 1.00 18.71  ? 7    DC  A C5    1 
ATOM   140 C C6    . DC  A 1 7  ? -7.987  -2.416  -11.660 1.00 27.58  ? 7    DC  A C6    1 
ATOM   141 P P     . DA  A 1 8  ? -3.634  -6.748  -15.007 1.00 46.53  ? 8    DA  A P     1 
ATOM   142 O OP1   . DA  A 1 8  ? -2.231  -6.514  -14.616 1.00 52.19  ? 8    DA  A OP1   1 
ATOM   143 O OP2   . DA  A 1 8  ? -4.064  -6.420  -16.377 1.00 49.24  ? 8    DA  A OP2   1 
ATOM   144 O "O5'" . DA  A 1 8  ? -4.146  -8.275  -14.646 1.00 46.88  ? 8    DA  A "O5'" 1 
ATOM   145 C "C5'" . DA  A 1 8  ? -3.530  -9.129  -13.641 1.00 46.99  ? 8    DA  A "C5'" 1 
ATOM   146 C "C4'" . DA  A 1 8  ? -4.287  -10.441 -13.267 1.00 45.50  ? 8    DA  A "C4'" 1 
ATOM   147 O "O4'" . DA  A 1 8  ? -5.241  -10.179 -12.231 1.00 45.34  ? 8    DA  A "O4'" 1 
ATOM   148 C "C3'" . DA  A 1 8  ? -5.059  -11.086 -14.438 1.00 48.76  ? 8    DA  A "C3'" 1 
ATOM   149 O "O3'" . DA  A 1 8  ? -4.612  -12.411 -14.828 1.00 49.39  ? 8    DA  A "O3'" 1 
ATOM   150 C "C2'" . DA  A 1 8  ? -6.509  -11.075 -14.018 1.00 50.18  ? 8    DA  A "C2'" 1 
ATOM   151 C "C1'" . DA  A 1 8  ? -6.600  -10.345 -12.685 1.00 46.72  ? 8    DA  A "C1'" 1 
ATOM   152 N N9    . DA  A 1 8  ? -7.303  -9.059  -12.900 1.00 39.43  ? 8    DA  A N9    1 
ATOM   153 C C8    . DA  A 1 8  ? -7.173  -8.200  -13.973 1.00 34.99  ? 8    DA  A C8    1 
ATOM   154 N N7    . DA  A 1 8  ? -8.009  -7.194  -13.945 1.00 36.05  ? 8    DA  A N7    1 
ATOM   155 C C5    . DA  A 1 8  ? -8.676  -7.344  -12.723 1.00 20.14  ? 8    DA  A C5    1 
ATOM   156 C C6    . DA  A 1 8  ? -9.652  -6.572  -12.087 1.00 26.92  ? 8    DA  A C6    1 
ATOM   157 N N6    . DA  A 1 8  ? -10.035 -5.381  -12.577 1.00 25.60  ? 8    DA  A N6    1 
ATOM   158 N N1    . DA  A 1 8  ? -10.145 -7.039  -10.919 1.00 17.80  ? 8    DA  A N1    1 
ATOM   159 C C2    . DA  A 1 8  ? -9.642  -8.152  -10.383 1.00 24.50  ? 8    DA  A C2    1 
ATOM   160 N N3    . DA  A 1 8  ? -8.666  -8.920  -10.859 1.00 26.20  ? 8    DA  A N3    1 
ATOM   161 C C4    . DA  A 1 8  ? -8.250  -8.470  -12.069 1.00 29.23  ? 8    DA  A C4    1 
ATOM   162 P P     . DT  A 1 9  ? -4.797  -13.833 -14.067 1.00 49.04  ? 9    DT  A P     1 
ATOM   163 O OP1   . DT  A 1 9  ? -3.992  -13.889 -12.827 1.00 54.75  ? 9    DT  A OP1   1 
ATOM   164 O OP2   . DT  A 1 9  ? -4.645  -14.916 -15.067 1.00 64.11  ? 9    DT  A OP2   1 
ATOM   165 O "O5'" . DT  A 1 9  ? -6.347  -13.822 -13.619 1.00 41.32  ? 9    DT  A "O5'" 1 
ATOM   166 C "C5'" . DT  A 1 9  ? -6.881  -14.692 -12.614 1.00 39.33  ? 9    DT  A "C5'" 1 
ATOM   167 C "C4'" . DT  A 1 9  ? -8.358  -14.414 -12.280 1.00 41.27  ? 9    DT  A "C4'" 1 
ATOM   168 O "O4'" . DT  A 1 9  ? -8.687  -13.017 -12.391 1.00 43.95  ? 9    DT  A "O4'" 1 
ATOM   169 C "C3'" . DT  A 1 9  ? -9.334  -15.115 -13.213 1.00 46.94  ? 9    DT  A "C3'" 1 
ATOM   170 O "O3'" . DT  A 1 9  ? -9.734  -16.410 -12.711 1.00 48.83  ? 9    DT  A "O3'" 1 
ATOM   171 C "C2'" . DT  A 1 9  ? -10.498 -14.097 -13.328 1.00 50.38  ? 9    DT  A "C2'" 1 
ATOM   172 C "C1'" . DT  A 1 9  ? -10.117 -12.835 -12.532 1.00 35.23  ? 9    DT  A "C1'" 1 
ATOM   173 N N1    . DT  A 1 9  ? -10.395 -11.544 -13.231 1.00 19.82  ? 9    DT  A N1    1 
ATOM   174 C C2    . DT  A 1 9  ? -11.414 -10.748 -12.792 1.00 22.45  ? 9    DT  A C2    1 
ATOM   175 O O2    . DT  A 1 9  ? -12.047 -10.967 -11.782 1.00 25.53  ? 9    DT  A O2    1 
ATOM   176 N N3    . DT  A 1 9  ? -11.653 -9.600  -13.502 1.00 18.52  ? 9    DT  A N3    1 
ATOM   177 C C4    . DT  A 1 9  ? -10.931 -9.167  -14.586 1.00 28.16  ? 9    DT  A C4    1 
ATOM   178 O O4    . DT  A 1 9  ? -11.203 -8.123  -15.178 1.00 26.22  ? 9    DT  A O4    1 
ATOM   179 C C5    . DT  A 1 9  ? -9.855  -10.046 -14.925 1.00 14.51  ? 9    DT  A C5    1 
ATOM   180 C C7    . DT  A 1 9  ? -9.072  -9.794  -16.199 1.00 30.97  ? 9    DT  A C7    1 
ATOM   181 C C6    . DT  A 1 9  ? -9.591  -11.128 -14.216 1.00 15.51  ? 9    DT  A C6    1 
ATOM   182 O "O5'" . DA  B 1 1  ? -18.732 -4.132  -11.261 1.00 69.87  ? 10   DA  B "O5'" 1 
ATOM   183 C "C5'" . DA  B 1 1  ? -19.811 -4.824  -10.577 1.00 61.04  ? 10   DA  B "C5'" 1 
ATOM   184 C "C4'" . DA  B 1 1  ? -19.370 -5.870  -9.514  1.00 59.18  ? 10   DA  B "C4'" 1 
ATOM   185 O "O4'" . DA  B 1 1  ? -18.241 -6.628  -9.989  1.00 57.80  ? 10   DA  B "O4'" 1 
ATOM   186 C "C3'" . DA  B 1 1  ? -18.957 -5.251  -8.160  1.00 58.33  ? 10   DA  B "C3'" 1 
ATOM   187 O "O3'" . DA  B 1 1  ? -19.190 -6.244  -7.119  1.00 71.91  ? 10   DA  B "O3'" 1 
ATOM   188 C "C2'" . DA  B 1 1  ? -17.453 -5.072  -8.395  1.00 54.56  ? 10   DA  B "C2'" 1 
ATOM   189 C "C1'" . DA  B 1 1  ? -17.056 -6.216  -9.301  1.00 38.74  ? 10   DA  B "C1'" 1 
ATOM   190 N N9    . DA  B 1 1  ? -16.064 -5.936  -10.332 1.00 32.83  ? 10   DA  B N9    1 
ATOM   191 C C8    . DA  B 1 1  ? -16.000 -4.937  -11.285 1.00 32.04  ? 10   DA  B C8    1 
ATOM   192 N N7    . DA  B 1 1  ? -15.048 -5.143  -12.184 1.00 38.15  ? 10   DA  B N7    1 
ATOM   193 C C5    . DA  B 1 1  ? -14.510 -6.406  -11.832 1.00 14.48  ? 10   DA  B C5    1 
ATOM   194 C C6    . DA  B 1 1  ? -13.587 -7.298  -12.441 1.00 34.74  ? 10   DA  B C6    1 
ATOM   195 N N6    . DA  B 1 1  ? -12.879 -7.010  -13.520 1.00 38.85  ? 10   DA  B N6    1 
ATOM   196 N N1    . DA  B 1 1  ? -13.370 -8.490  -11.872 1.00 18.62  ? 10   DA  B N1    1 
ATOM   197 C C2    . DA  B 1 1  ? -14.021 -8.780  -10.764 1.00 28.31  ? 10   DA  B C2    1 
ATOM   198 N N3    . DA  B 1 1  ? -14.937 -8.058  -10.126 1.00 23.17  ? 10   DA  B N3    1 
ATOM   199 C C4    . DA  B 1 1  ? -15.115 -6.865  -10.706 1.00 25.38  ? 10   DA  B C4    1 
ATOM   200 P P     . DT  B 1 2  ? -19.575 -6.125  -5.512  1.00 81.64  ? 11   DT  B P     1 
ATOM   201 O OP1   . DT  B 1 2  ? -20.653 -7.086  -5.179  1.00 83.26  ? 11   DT  B OP1   1 
ATOM   202 O OP2   . DT  B 1 2  ? -19.729 -4.689  -5.159  1.00 79.11  ? 11   DT  B OP2   1 
ATOM   203 O "O5'" . DT  B 1 2  ? -18.237 -6.662  -4.747  1.00 68.41  ? 11   DT  B "O5'" 1 
ATOM   204 C "C5'" . DT  B 1 2  ? -17.505 -7.781  -5.243  1.00 49.98  ? 11   DT  B "C5'" 1 
ATOM   205 C "C4'" . DT  B 1 2  ? -16.046 -7.486  -5.607  1.00 45.51  ? 11   DT  B "C4'" 1 
ATOM   206 O "O4'" . DT  B 1 2  ? -15.654 -6.614  -6.540  1.00 41.58  ? 11   DT  B "O4'" 1 
ATOM   207 C "C3'" . DT  B 1 2  ? -15.109 -7.235  -4.463  1.00 44.46  ? 11   DT  B "C3'" 1 
ATOM   208 O "O3'" . DT  B 1 2  ? -15.048 -8.376  -3.608  1.00 55.49  ? 11   DT  B "O3'" 1 
ATOM   209 C "C2'" . DT  B 1 2  ? -13.844 -7.065  -5.300  1.00 35.53  ? 11   DT  B "C2'" 1 
ATOM   210 C "C1'" . DT  B 1 2  ? -14.367 -6.871  -6.685  1.00 28.95  ? 11   DT  B "C1'" 1 
ATOM   211 N N1    . DT  B 1 2  ? -13.567 -6.079  -7.612  1.00 20.88  ? 11   DT  B N1    1 
ATOM   212 C C2    . DT  B 1 2  ? -12.515 -6.738  -8.204  1.00 27.28  ? 11   DT  B C2    1 
ATOM   213 O O2    . DT  B 1 2  ? -11.995 -7.725  -7.706  1.00 30.84  ? 11   DT  B O2    1 
ATOM   214 N N3    . DT  B 1 2  ? -12.004 -6.167  -9.355  1.00 22.42  ? 11   DT  B N3    1 
ATOM   215 C C4    . DT  B 1 2  ? -12.343 -4.925  -9.872  1.00 22.52  ? 11   DT  B C4    1 
ATOM   216 O O4    . DT  B 1 2  ? -11.830 -4.466  -10.890 1.00 21.17  ? 11   DT  B O4    1 
ATOM   217 C C5    . DT  B 1 2  ? -13.384 -4.276  -9.154  1.00 17.65  ? 11   DT  B C5    1 
ATOM   218 C C7    . DT  B 1 2  ? -13.961 -3.002  -9.782  1.00 22.31  ? 11   DT  B C7    1 
ATOM   219 C C6    . DT  B 1 2  ? -13.928 -4.830  -8.029  1.00 22.90  ? 11   DT  B C6    1 
ATOM   220 P P     . DG  B 1 3  ? -14.533 -8.395  -2.076  1.00 65.31  ? 12   DG  B P     1 
ATOM   221 O OP1   . DG  B 1 3  ? -13.441 -9.399  -2.077  1.00 59.12  ? 12   DG  B OP1   1 
ATOM   222 O OP2   . DG  B 1 3  ? -15.739 -8.612  -1.236  1.00 61.21  ? 12   DG  B OP2   1 
ATOM   223 O "O5'" . DG  B 1 3  ? -13.911 -6.943  -1.630  1.00 65.83  ? 12   DG  B "O5'" 1 
ATOM   224 C "C5'" . DG  B 1 3  ? -12.529 -6.670  -1.225  1.00 57.93  ? 12   DG  B "C5'" 1 
ATOM   225 C "C4'" . DG  B 1 3  ? -11.517 -7.808  -1.243  1.00 45.40  ? 12   DG  B "C4'" 1 
ATOM   226 O "O4'" . DG  B 1 3  ? -10.957 -8.128  -2.491  1.00 45.67  ? 12   DG  B "O4'" 1 
ATOM   227 C "C3'" . DG  B 1 3  ? -10.386 -7.350  -0.496  1.00 40.58  ? 12   DG  B "C3'" 1 
ATOM   228 O "O3'" . DG  B 1 3  ? -9.788  -8.507  -0.104  1.00 49.29  ? 12   DG  B "O3'" 1 
ATOM   229 C "C2'" . DG  B 1 3  ? -9.425  -6.837  -1.488  1.00 44.75  ? 12   DG  B "C2'" 1 
ATOM   230 C "C1'" . DG  B 1 3  ? -9.896  -7.203  -2.841  1.00 35.12  ? 12   DG  B "C1'" 1 
ATOM   231 N N9    . DG  B 1 3  ? -10.395 -5.971  -3.580  1.00 28.40  ? 12   DG  B N9    1 
ATOM   232 C C8    . DG  B 1 3  ? -11.505 -5.218  -3.276  1.00 23.77  ? 12   DG  B C8    1 
ATOM   233 N N7    . DG  B 1 3  ? -11.866 -4.381  -4.244  1.00 26.51  ? 12   DG  B N7    1 
ATOM   234 C C5    . DG  B 1 3  ? -10.870 -4.540  -5.226  1.00 17.55  ? 12   DG  B C5    1 
ATOM   235 C C6    . DG  B 1 3  ? -10.664 -3.851  -6.423  1.00 19.41  ? 12   DG  B C6    1 
ATOM   236 O O6    . DG  B 1 3  ? -11.221 -2.826  -6.778  1.00 21.04  ? 12   DG  B O6    1 
ATOM   237 N N1    . DG  B 1 3  ? -9.704  -4.399  -7.194  1.00 16.54  ? 12   DG  B N1    1 
ATOM   238 C C2    . DG  B 1 3  ? -8.941  -5.468  -6.794  1.00 21.26  ? 12   DG  B C2    1 
ATOM   239 N N2    . DG  B 1 3  ? -8.070  -5.976  -7.635  1.00 15.38  ? 12   DG  B N2    1 
ATOM   240 N N3    . DG  B 1 3  ? -8.982  -5.984  -5.571  1.00 24.46  ? 12   DG  B N3    1 
ATOM   241 C C4    . DG  B 1 3  ? -9.985  -5.490  -4.842  1.00 21.35  ? 12   DG  B C4    1 
ATOM   242 P P     . DC  B 1 4  ? -9.417  -8.666  1.426   1.00 58.41  ? 13   DC  B P     1 
ATOM   243 O OP1   . DC  B 1 4  ? -8.197  -9.504  1.517   1.00 54.15  ? 13   DC  B OP1   1 
ATOM   244 O OP2   . DC  B 1 4  ? -10.625 -9.085  2.149   1.00 61.45  ? 13   DC  B OP2   1 
ATOM   245 O "O5'" . DC  B 1 4  ? -9.115  -7.178  2.108   1.00 62.24  ? 13   DC  B "O5'" 1 
ATOM   246 C "C5'" . DC  B 1 4  ? -8.523  -5.965  1.579   1.00 56.48  ? 13   DC  B "C5'" 1 
ATOM   247 C "C4'" . DC  B 1 4  ? -7.054  -5.778  2.013   1.00 51.12  ? 13   DC  B "C4'" 1 
ATOM   248 O "O4'" . DC  B 1 4  ? -6.478  -4.596  1.404   1.00 48.83  ? 13   DC  B "O4'" 1 
ATOM   249 C "C3'" . DC  B 1 4  ? -6.987  -5.520  3.507   1.00 51.02  ? 13   DC  B "C3'" 1 
ATOM   250 O "O3'" . DC  B 1 4  ? -5.628  -5.914  3.962   1.00 54.52  ? 13   DC  B "O3'" 1 
ATOM   251 C "C2'" . DC  B 1 4  ? -7.326  -3.987  3.483   1.00 48.72  ? 13   DC  B "C2'" 1 
ATOM   252 C "C1'" . DC  B 1 4  ? -6.587  -3.430  2.230   1.00 37.70  ? 13   DC  B "C1'" 1 
ATOM   253 N N1    . DC  B 1 4  ? -7.193  -2.307  1.509   1.00 23.51  ? 13   DC  B N1    1 
ATOM   254 C C2    . DC  B 1 4  ? -6.457  -1.756  0.484   1.00 26.63  ? 13   DC  B C2    1 
ATOM   255 O O2    . DC  B 1 4  ? -5.392  -2.229  0.097   1.00 31.53  ? 13   DC  B O2    1 
ATOM   256 N N3    . DC  B 1 4  ? -6.905  -0.667  -0.158  1.00 20.95  ? 13   DC  B N3    1 
ATOM   257 C C4    . DC  B 1 4  ? -8.104  -0.226  0.132   1.00 22.81  ? 13   DC  B C4    1 
ATOM   258 N N4    . DC  B 1 4  ? -8.544  0.767   -0.616  1.00 25.67  ? 13   DC  B N4    1 
ATOM   259 C C5    . DC  B 1 4  ? -8.930  -0.823  1.135   1.00 21.86  ? 13   DC  B C5    1 
ATOM   260 C C6    . DC  B 1 4  ? -8.412  -1.869  1.793   1.00 25.13  ? 13   DC  B C6    1 
ATOM   261 P P     . DT  B 1 5  ? -4.931  -5.810  5.477   1.00 53.79  ? 14   DT  B P     1 
ATOM   262 O OP1   . DT  B 1 5  ? -4.548  -7.171  5.905   1.00 55.96  ? 14   DT  B OP1   1 
ATOM   263 O OP2   . DT  B 1 5  ? -5.901  -5.015  6.264   1.00 52.22  ? 14   DT  B OP2   1 
ATOM   264 O "O5'" . DT  B 1 5  ? -3.604  -4.939  5.502   1.00 47.87  ? 14   DT  B "O5'" 1 
ATOM   265 C "C5'" . DT  B 1 5  ? -2.392  -5.257  4.842   1.00 43.90  ? 14   DT  B "C5'" 1 
ATOM   266 C "C4'" . DT  B 1 5  ? -1.876  -4.035  4.076   1.00 47.16  ? 14   DT  B "C4'" 1 
ATOM   267 O "O4'" . DT  B 1 5  ? -2.726  -3.214  3.666   1.00 41.58  ? 14   DT  B "O4'" 1 
ATOM   268 C "C3'" . DT  B 1 5  ? -0.982  -3.120  4.827   1.00 47.23  ? 14   DT  B "C3'" 1 
ATOM   269 O "O3'" . DT  B 1 5  ? 0.146   -3.752  5.375   1.00 54.63  ? 14   DT  B "O3'" 1 
ATOM   270 C "C2'" . DT  B 1 5  ? -0.819  -1.953  3.917   1.00 42.31  ? 14   DT  B "C2'" 1 
ATOM   271 C "C1'" . DT  B 1 5  ? -2.174  -2.008  3.307   1.00 40.75  ? 14   DT  B "C1'" 1 
ATOM   272 N N1    . DT  B 1 5  ? -3.093  -0.861  3.253   1.00 33.36  ? 14   DT  B N1    1 
ATOM   273 C C2    . DT  B 1 5  ? -2.981  -0.088  2.090   1.00 35.28  ? 14   DT  B C2    1 
ATOM   274 O O2    . DT  B 1 5  ? -1.950  -0.207  1.391   1.00 37.44  ? 14   DT  B O2    1 
ATOM   275 N N3    . DT  B 1 5  ? -4.096  0.740   1.812   1.00 26.70  ? 14   DT  B N3    1 
ATOM   276 C C4    . DT  B 1 5  ? -5.239  0.778   2.569   1.00 32.33  ? 14   DT  B C4    1 
ATOM   277 O O4    . DT  B 1 5  ? -6.197  1.489   2.236   1.00 38.58  ? 14   DT  B O4    1 
ATOM   278 C C5    . DT  B 1 5  ? -5.185  -0.092  3.746   1.00 28.63  ? 14   DT  B C5    1 
ATOM   279 C C7    . DT  B 1 5  ? -6.403  -0.395  4.612   1.00 31.06  ? 14   DT  B C7    1 
ATOM   280 C C6    . DT  B 1 5  ? -4.126  -0.752  4.087   1.00 29.12  ? 14   DT  B C6    1 
ATOM   281 P P     . DG  B 1 6  ? 0.269   -3.692  7.026   1.00 58.84  ? 15   DG  B P     1 
ATOM   282 O OP1   . DG  B 1 6  ? 1.115   -4.826  7.478   1.00 53.48  ? 15   DG  B OP1   1 
ATOM   283 O OP2   . DG  B 1 6  ? -1.026  -3.338  7.727   1.00 47.86  ? 15   DG  B OP2   1 
ATOM   284 O "O5'" . DG  B 1 6  ? 1.136   -2.350  7.071   1.00 53.89  ? 15   DG  B "O5'" 1 
ATOM   285 C "C5'" . DG  B 1 6  ? 2.428   -2.256  6.467   1.00 41.01  ? 15   DG  B "C5'" 1 
ATOM   286 C "C4'" . DG  B 1 6  ? 2.842   -0.850  6.650   1.00 41.93  ? 15   DG  B "C4'" 1 
ATOM   287 O "O4'" . DG  B 1 6  ? 1.732   -0.013  6.266   1.00 36.25  ? 15   DG  B "O4'" 1 
ATOM   288 C "C3'" . DG  B 1 6  ? 3.045   -0.602  8.125   1.00 39.75  ? 15   DG  B "C3'" 1 
ATOM   289 O "O3'" . DG  B 1 6  ? 4.151   0.254   8.274   1.00 47.94  ? 15   DG  B "O3'" 1 
ATOM   290 C "C2'" . DG  B 1 6  ? 1.765   0.011   8.629   1.00 37.36  ? 15   DG  B "C2'" 1 
ATOM   291 C "C1'" . DG  B 1 6  ? 1.207   0.632   7.369   1.00 30.90  ? 15   DG  B "C1'" 1 
ATOM   292 N N9    . DG  B 1 6  ? -0.179  0.626   7.042   1.00 23.27  ? 15   DG  B N9    1 
ATOM   293 C C8    . DG  B 1 6  ? -1.290  0.178   7.721   1.00 30.44  ? 15   DG  B C8    1 
ATOM   294 N N7    . DG  B 1 6  ? -2.413  0.668   7.225   1.00 28.25  ? 15   DG  B N7    1 
ATOM   295 C C5    . DG  B 1 6  ? -1.959  1.402   6.127   1.00 19.81  ? 15   DG  B C5    1 
ATOM   296 C C6    . DG  B 1 6  ? -2.664  2.253   5.281   1.00 25.09  ? 15   DG  B C6    1 
ATOM   297 O O6    . DG  B 1 6  ? -3.897  2.370   5.165   1.00 28.30  ? 15   DG  B O6    1 
ATOM   298 N N1    . DG  B 1 6  ? -1.792  3.062   4.608   1.00 23.74  ? 15   DG  B N1    1 
ATOM   299 C C2    . DG  B 1 6  ? -0.435  2.947   4.611   1.00 25.45  ? 15   DG  B C2    1 
ATOM   300 N N2    . DG  B 1 6  ? 0.270   3.651   3.716   1.00 26.39  ? 15   DG  B N2    1 
ATOM   301 N N3    . DG  B 1 6  ? 0.197   2.140   5.412   1.00 21.62  ? 15   DG  B N3    1 
ATOM   302 C C4    . DG  B 1 6  ? -0.617  1.394   6.083   1.00 18.37  ? 15   DG  B C4    1 
ATOM   303 P P     . DC  B 1 7  ? 5.024   0.079   9.591   1.00 54.94  ? 16   DC  B P     1 
ATOM   304 O OP1   . DC  B 1 7  ? 6.461   -0.104  9.256   1.00 46.68  ? 16   DC  B OP1   1 
ATOM   305 O OP2   . DC  B 1 7  ? 4.292   -0.804  10.521  1.00 57.12  ? 16   DC  B OP2   1 
ATOM   306 O "O5'" . DC  B 1 7  ? 4.909   1.493   10.389  1.00 61.73  ? 16   DC  B "O5'" 1 
ATOM   307 C "C5'" . DC  B 1 7  ? 6.022   2.342   10.832  1.00 57.57  ? 16   DC  B "C5'" 1 
ATOM   308 C "C4'" . DC  B 1 7  ? 5.434   3.606   11.443  1.00 55.89  ? 16   DC  B "C4'" 1 
ATOM   309 O "O4'" . DC  B 1 7  ? 3.986   3.565   11.517  1.00 49.83  ? 16   DC  B "O4'" 1 
ATOM   310 C "C3'" . DC  B 1 7  ? 5.944   3.877   12.869  1.00 55.50  ? 16   DC  B "C3'" 1 
ATOM   311 O "O3'" . DC  B 1 7  ? 6.940   4.907   12.749  1.00 58.09  ? 16   DC  B "O3'" 1 
ATOM   312 C "C2'" . DC  B 1 7  ? 4.640   4.406   13.490  1.00 48.01  ? 16   DC  B "C2'" 1 
ATOM   313 C "C1'" . DC  B 1 7  ? 3.836   4.712   12.287  1.00 44.25  ? 16   DC  B "C1'" 1 
ATOM   314 N N1    . DC  B 1 7  ? 2.440   4.942   12.385  1.00 38.16  ? 16   DC  B N1    1 
ATOM   315 C C2    . DC  B 1 7  ? 1.965   6.079   11.632  1.00 38.26  ? 16   DC  B C2    1 
ATOM   316 O O2    . DC  B 1 7  ? 2.733   6.889   11.071  1.00 31.88  ? 16   DC  B O2    1 
ATOM   317 N N3    . DC  B 1 7  ? 0.605   6.224   11.491  1.00 35.37  ? 16   DC  B N3    1 
ATOM   318 C C4    . DC  B 1 7  ? -0.179  5.336   12.089  1.00 36.20  ? 16   DC  B C4    1 
ATOM   319 N N4    . DC  B 1 7  ? -1.461  5.455   11.858  1.00 36.23  ? 16   DC  B N4    1 
ATOM   320 C C5    . DC  B 1 7  ? 0.302   4.224   12.874  1.00 34.51  ? 16   DC  B C5    1 
ATOM   321 C C6    . DC  B 1 7  ? 1.626   4.032   12.943  1.00 33.22  ? 16   DC  B C6    1 
ATOM   322 P P     . DA  B 1 8  ? 8.476   4.646   13.161  1.00 64.15  ? 17   DA  B P     1 
ATOM   323 O OP1   . DA  B 1 8  ? 9.400   4.312   12.037  1.00 59.49  ? 17   DA  B OP1   1 
ATOM   324 O OP2   . DA  B 1 8  ? 8.392   3.699   14.328  1.00 63.96  ? 17   DA  B OP2   1 
ATOM   325 O "O5'" . DA  B 1 8  ? 8.829   6.140   13.583  1.00 49.59  ? 17   DA  B "O5'" 1 
ATOM   326 C "C5'" . DA  B 1 8  ? 9.525   6.853   12.563  1.00 39.96  ? 17   DA  B "C5'" 1 
ATOM   327 C "C4'" . DA  B 1 8  ? 8.867   8.120   12.175  1.00 36.42  ? 17   DA  B "C4'" 1 
ATOM   328 O "O4'" . DA  B 1 8  ? 7.503   7.959   12.417  1.00 45.01  ? 17   DA  B "O4'" 1 
ATOM   329 C "C3'" . DA  B 1 8  ? 9.207   9.128   13.147  1.00 36.96  ? 17   DA  B "C3'" 1 
ATOM   330 O "O3'" . DA  B 1 8  ? 10.041  10.057  12.529  1.00 49.87  ? 17   DA  B "O3'" 1 
ATOM   331 C "C2'" . DA  B 1 8  ? 7.926   9.802   13.550  1.00 42.59  ? 17   DA  B "C2'" 1 
ATOM   332 C "C1'" . DA  B 1 8  ? 6.859   9.158   12.790  1.00 31.37  ? 17   DA  B "C1'" 1 
ATOM   333 N N9    . DA  B 1 8  ? 5.694   8.728   13.609  1.00 31.27  ? 17   DA  B N9    1 
ATOM   334 C C8    . DA  B 1 8  ? 5.564   7.752   14.605  1.00 26.67  ? 17   DA  B C8    1 
ATOM   335 N N7    . DA  B 1 8  ? 4.292   7.520   14.926  1.00 27.37  ? 17   DA  B N7    1 
ATOM   336 C C5    . DA  B 1 8  ? 3.559   8.317   14.005  1.00 24.59  ? 17   DA  B C5    1 
ATOM   337 C C6    . DA  B 1 8  ? 2.194   8.524   13.759  1.00 31.92  ? 17   DA  B C6    1 
ATOM   338 N N6    . DA  B 1 8  ? 1.198   7.989   14.485  1.00 36.84  ? 17   DA  B N6    1 
ATOM   339 N N1    . DA  B 1 8  ? 1.868   9.384   12.797  1.00 31.25  ? 17   DA  B N1    1 
ATOM   340 C C2    . DA  B 1 8  ? 2.807   10.084  12.191  1.00 31.12  ? 17   DA  B C2    1 
ATOM   341 N N3    . DA  B 1 8  ? 4.109   9.974   12.318  1.00 27.57  ? 17   DA  B N3    1 
ATOM   342 C C4    . DA  B 1 8  ? 4.407   9.066   13.254  1.00 26.24  ? 17   DA  B C4    1 
ATOM   343 P P     . DT  B 1 9  ? 10.784  11.176  13.391  1.00 52.74  ? 18   DT  B P     1 
ATOM   344 O OP1   . DT  B 1 9  ? 11.857  11.759  12.547  1.00 53.54  ? 18   DT  B OP1   1 
ATOM   345 O OP2   . DT  B 1 9  ? 11.013  10.627  14.759  1.00 50.92  ? 18   DT  B OP2   1 
ATOM   346 O "O5'" . DT  B 1 9  ? 9.659   12.268  13.536  1.00 49.86  ? 18   DT  B "O5'" 1 
ATOM   347 C "C5'" . DT  B 1 9  ? 9.261   13.100  12.426  1.00 52.82  ? 18   DT  B "C5'" 1 
ATOM   348 C "C4'" . DT  B 1 9  ? 7.961   13.740  12.825  1.00 52.60  ? 18   DT  B "C4'" 1 
ATOM   349 O "O4'" . DT  B 1 9  ? 7.120   12.667  13.259  1.00 49.49  ? 18   DT  B "O4'" 1 
ATOM   350 C "C3'" . DT  B 1 9  ? 8.066   14.501  14.177  1.00 57.34  ? 18   DT  B "C3'" 1 
ATOM   351 O "O3'" . DT  B 1 9  ? 8.711   15.799  14.193  1.00 66.62  ? 18   DT  B "O3'" 1 
ATOM   352 C "C2'" . DT  B 1 9  ? 6.637   14.552  14.633  1.00 51.68  ? 18   DT  B "C2'" 1 
ATOM   353 C "C1'" . DT  B 1 9  ? 6.056   13.309  13.965  1.00 45.62  ? 18   DT  B "C1'" 1 
ATOM   354 N N1    . DT  B 1 9  ? 5.398   12.372  14.862  1.00 34.69  ? 18   DT  B N1    1 
ATOM   355 C C2    . DT  B 1 9  ? 3.994   12.481  14.989  1.00 34.54  ? 18   DT  B C2    1 
ATOM   356 O O2    . DT  B 1 9  ? 3.290   13.270  14.348  1.00 36.82  ? 18   DT  B O2    1 
ATOM   357 N N3    . DT  B 1 9  ? 3.402   11.592  15.853  1.00 27.10  ? 18   DT  B N3    1 
ATOM   358 C C4    . DT  B 1 9  ? 4.062   10.655  16.559  1.00 33.32  ? 18   DT  B C4    1 
ATOM   359 O O4    . DT  B 1 9  ? 3.449   9.940   17.331  1.00 43.12  ? 18   DT  B O4    1 
ATOM   360 C C5    . DT  B 1 9  ? 5.508   10.612  16.369  1.00 31.88  ? 18   DT  B C5    1 
ATOM   361 C C7    . DT  B 1 9  ? 6.377   9.855   17.416  1.00 37.71  ? 18   DT  B C7    1 
ATOM   362 C C6    . DT  B 1 9  ? 6.105   11.397  15.464  1.00 31.52  ? 18   DT  B C6    1 
ATOM   363 N N     . THR C 2 1  ? 1.071   8.003   4.844   1.00 30.27  ? 1    THR C N     1 
ATOM   364 C CA    . THR C 2 1  ? 2.311   8.525   4.153   1.00 29.02  ? 1    THR C CA    1 
ATOM   365 C C     . THR C 2 1  ? 3.512   8.400   5.110   1.00 28.46  ? 1    THR C C     1 
ATOM   366 O O     . THR C 2 1  ? 3.360   8.097   6.293   1.00 42.25  ? 1    THR C O     1 
ATOM   367 C CB    . THR C 2 1  ? 2.165   10.031  3.839   1.00 37.39  ? 1    THR C CB    1 
ATOM   368 O OG1   . THR C 2 1  ? 2.723   10.787  4.978   1.00 50.98  ? 1    THR C OG1   1 
ATOM   369 C CG2   . THR C 2 1  ? 0.697   10.411  3.613   1.00 36.79  ? 1    THR C CG2   1 
HETATM 370 N N     . DVA C 2 2  ? 4.688   8.707   4.630   1.00 27.63  ? 2    DVA C N     1 
HETATM 371 C CA    . DVA C 2 2  ? 5.932   8.705   5.479   1.00 33.45  ? 2    DVA C CA    1 
HETATM 372 C CB    . DVA C 2 2  ? 7.094   9.288   4.668   1.00 26.29  ? 2    DVA C CB    1 
HETATM 373 C CG1   . DVA C 2 2  ? 8.227   9.670   5.614   1.00 31.16  ? 2    DVA C CG1   1 
HETATM 374 C CG2   . DVA C 2 2  ? 6.620   10.540  3.918   1.00 26.65  ? 2    DVA C CG2   1 
HETATM 375 C C     . DVA C 2 2  ? 6.309   7.313   6.034   1.00 35.91  ? 2    DVA C C     1 
HETATM 376 O O     . DVA C 2 2  ? 6.696   6.427   5.278   1.00 48.30  ? 2    DVA C O     1 
ATOM   377 N N     . PRO C 2 3  ? 6.355   7.218   7.358   1.00 40.82  ? 3    PRO C N     1 
ATOM   378 C CA    . PRO C 2 3  ? 5.554   8.114   8.238   1.00 39.48  ? 3    PRO C CA    1 
ATOM   379 C C     . PRO C 2 3  ? 6.391   9.319   8.689   1.00 35.47  ? 3    PRO C C     1 
ATOM   380 O O     . PRO C 2 3  ? 7.611   9.238   8.815   1.00 39.10  ? 3    PRO C O     1 
ATOM   381 C CB    . PRO C 2 3  ? 5.201   7.240   9.443   1.00 39.36  ? 3    PRO C CB    1 
ATOM   382 C CG    . PRO C 2 3  ? 6.255   6.112   9.461   1.00 43.61  ? 3    PRO C CG    1 
ATOM   383 C CD    . PRO C 2 3  ? 6.732   5.941   8.008   1.00 38.52  ? 3    PRO C CD    1 
HETATM 384 N N     . SAR C 2 4  ? 5.765   10.437  8.940   1.00 32.43  ? 4    SAR C N     1 
HETATM 385 C CA    . SAR C 2 4  ? 4.323   10.630  8.824   1.00 26.71  ? 4    SAR C CA    1 
HETATM 386 C C     . SAR C 2 4  ? 3.986   11.502  7.599   1.00 33.08  ? 4    SAR C C     1 
HETATM 387 O O     . SAR C 2 4  ? 4.821   11.690  6.710   1.00 40.77  ? 4    SAR C O     1 
HETATM 388 C CN    . SAR C 2 4  ? 6.464   11.701  9.384   1.00 39.64  ? 4    SAR C CN    1 
HETATM 389 N N     . MVA C 2 5  ? 2.742   11.936  7.485   1.00 33.12  ? 5    MVA C N     1 
HETATM 390 C CN    . MVA C 2 5  ? 1.657   11.630  8.488   1.00 30.06  ? 5    MVA C CN    1 
HETATM 391 C CA    . MVA C 2 5  ? 2.194   12.667  6.333   1.00 41.74  ? 5    MVA C CA    1 
HETATM 392 C CB    . MVA C 2 5  ? 2.424   14.182  6.478   1.00 47.47  ? 5    MVA C CB    1 
HETATM 393 C CG1   . MVA C 2 5  ? 1.544   14.734  7.604   1.00 43.43  ? 5    MVA C CG1   1 
HETATM 394 C CG2   . MVA C 2 5  ? 3.893   14.484  6.785   1.00 41.56  ? 5    MVA C CG2   1 
HETATM 395 C C     . MVA C 2 5  ? 2.739   12.124  4.986   1.00 45.62  ? 5    MVA C C     1 
HETATM 396 O O     . MVA C 2 5  ? 3.141   12.849  4.065   1.00 51.38  ? 5    MVA C O     1 
HETATM 397 C C1    . PXZ C 2 6  ? -1.147  7.081   4.913   1.00 20.33  ? 6    PXZ C C1    1 
HETATM 398 C C0    . PXZ C 2 6  ? 0.029   7.593   4.157   1.00 20.46  ? 6    PXZ C C0    1 
HETATM 399 O O1    . PXZ C 2 6  ? 0.036   7.629   2.940   1.00 30.48  ? 6    PXZ C O1    1 
HETATM 400 C C2    . PXZ C 2 6  ? -2.392  7.504   4.498   1.00 17.18  ? 6    PXZ C C2    1 
HETATM 401 N N2    . PXZ C 2 6  ? -2.506  8.187   3.160   1.00 36.32  ? 6    PXZ C N2    1 
HETATM 402 C C3    . PXZ C 2 6  ? -3.584  7.138   5.172   1.00 18.80  ? 6    PXZ C C3    1 
HETATM 403 O O3    . PXZ C 2 6  ? -4.604  7.755   4.897   1.00 33.65  ? 6    PXZ C O3    1 
HETATM 404 C C4    . PXZ C 2 6  ? -3.532  6.252   6.275   1.00 9.12   ? 6    PXZ C C4    1 
HETATM 405 O O5    . PXZ C 2 6  ? -2.235  4.922   7.743   1.00 5.43   ? 6    PXZ C O5    1 
HETATM 406 C C6    . PXZ C 2 6  ? -1.008  3.594   9.335   1.00 9.50   ? 6    PXZ C C6    1 
HETATM 407 C C7    . PXZ C 2 6  ? 0.226   3.192   9.833   1.00 10.11  ? 6    PXZ C C7    1 
HETATM 408 C C8    . PXZ C 2 6  ? 1.399   3.670   9.243   1.00 9.51   ? 6    PXZ C C8    1 
HETATM 409 C C9    . PXZ C 2 6  ? 1.407   4.520   8.121   1.00 6.90   ? 6    PXZ C C9    1 
HETATM 410 C "C0'" . PXZ C 2 6  ? 2.667   4.464   7.441   1.00 19.52  ? 6    PXZ C "C0'" 1 
HETATM 411 O "O1'" . PXZ C 2 6  ? 3.709   4.489   8.086   1.00 30.65  ? 6    PXZ C "O1'" 1 
HETATM 412 N N10   . PXZ C 2 6  ? 0.117   5.749   6.516   1.00 16.80  ? 6    PXZ C N10   1 
HETATM 413 C C11   . PXZ C 2 6  ? -1.087  6.181   6.020   1.00 6.98   ? 6    PXZ C C11   1 
HETATM 414 C C12   . PXZ C 2 6  ? -2.287  5.766   6.682   1.00 2.96   ? 6    PXZ C C12   1 
HETATM 415 C C13   . PXZ C 2 6  ? -1.039  4.484   8.232   1.00 7.55   ? 6    PXZ C C13   1 
HETATM 416 C C14   . PXZ C 2 6  ? 0.163   4.919   7.599   1.00 9.72   ? 6    PXZ C C14   1 
HETATM 417 C C15   . PXZ C 2 6  ? -4.830  6.053   7.047   1.00 17.05  ? 6    PXZ C C15   1 
HETATM 418 C C16   . PXZ C 2 6  ? -2.251  2.875   9.836   1.00 15.82  ? 6    PXZ C C16   1 
ATOM   419 N N     . THR C 2 7  ? 2.709   4.355   6.105   1.00 22.93  ? 7    THR C N     1 
ATOM   420 C CA    . THR C 2 7  ? 4.052   4.275   5.453   1.00 23.40  ? 7    THR C CA    1 
ATOM   421 C C     . THR C 2 7  ? 3.962   4.749   3.966   1.00 24.49  ? 7    THR C C     1 
ATOM   422 O O     . THR C 2 7  ? 2.880   4.940   3.387   1.00 32.07  ? 7    THR C O     1 
ATOM   423 C CB    . THR C 2 7  ? 4.630   2.835   5.499   1.00 24.45  ? 7    THR C CB    1 
ATOM   424 O OG1   . THR C 2 7  ? 4.499   2.309   4.118   1.00 39.99  ? 7    THR C OG1   1 
ATOM   425 C CG2   . THR C 2 7  ? 3.771   1.924   6.315   1.00 36.28  ? 7    THR C CG2   1 
HETATM 426 N N     . DVA C 2 8  ? 5.092   4.897   3.372   1.00 29.90  ? 8    DVA C N     1 
HETATM 427 C CA    . DVA C 2 8  ? 5.217   5.318   1.925   1.00 30.57  ? 8    DVA C CA    1 
HETATM 428 C CB    . DVA C 2 8  ? 6.700   5.386   1.559   1.00 26.23  ? 8    DVA C CB    1 
HETATM 429 C CG1   . DVA C 2 8  ? 6.852   5.293   0.044   1.00 23.97  ? 8    DVA C CG1   1 
HETATM 430 C CG2   . DVA C 2 8  ? 7.442   4.217   2.212   1.00 28.26  ? 8    DVA C CG2   1 
HETATM 431 C C     . DVA C 2 8  ? 4.543   6.667   1.603   1.00 30.64  ? 8    DVA C C     1 
HETATM 432 O O     . DVA C 2 8  ? 4.966   7.696   2.098   1.00 30.82  ? 8    DVA C O     1 
ATOM   433 N N     . PRO C 2 9  ? 3.662   6.653   0.619   1.00 38.26  ? 9    PRO C N     1 
ATOM   434 C CA    . PRO C 2 9  ? 2.830   5.462   0.276   1.00 36.70  ? 9    PRO C CA    1 
ATOM   435 C C     . PRO C 2 9  ? 3.574   4.542   -0.701  1.00 39.50  ? 9    PRO C C     1 
ATOM   436 O O     . PRO C 2 9  ? 4.315   4.998   -1.560  1.00 54.25  ? 9    PRO C O     1 
ATOM   437 C CB    . PRO C 2 9  ? 1.611   6.061   -0.417  1.00 29.57  ? 9    PRO C CB    1 
ATOM   438 C CG    . PRO C 2 9  ? 2.071   7.432   -0.944  1.00 34.95  ? 9    PRO C CG    1 
ATOM   439 C CD    . PRO C 2 9  ? 3.171   7.907   0.016   1.00 40.54  ? 9    PRO C CD    1 
HETATM 440 N N     . SAR C 2 10 ? 3.382   3.252   -0.603  1.00 46.03  ? 10   SAR C N     1 
HETATM 441 C CA    . SAR C 2 10 ? 2.517   2.621   0.383   1.00 40.00  ? 10   SAR C CA    1 
HETATM 442 C C     . SAR C 2 10 ? 3.370   1.814   1.369   1.00 38.79  ? 10   SAR C C     1 
HETATM 443 O O     . SAR C 2 10 ? 4.604   1.822   1.291   1.00 37.91  ? 10   SAR C O     1 
HETATM 444 C CN    . SAR C 2 10 ? 4.062   2.223   -1.490  1.00 42.25  ? 10   SAR C CN    1 
HETATM 445 N N     . MVA C 2 11 ? 2.749   1.085   2.267   1.00 34.60  ? 11   MVA C N     1 
HETATM 446 C CN    . MVA C 2 11 ? 1.248   0.891   2.309   1.00 26.22  ? 11   MVA C CN    1 
HETATM 447 C CA    . MVA C 2 11 ? 3.419   0.232   3.242   1.00 38.78  ? 11   MVA C CA    1 
HETATM 448 C CB    . MVA C 2 11 ? 3.729   -1.136  2.607   1.00 42.40  ? 11   MVA C CB    1 
HETATM 449 C CG1   . MVA C 2 11 ? 4.436   -0.961  1.264   1.00 45.52  ? 11   MVA C CG1   1 
HETATM 450 C CG2   . MVA C 2 11 ? 4.592   -1.988  3.539   1.00 46.61  ? 11   MVA C CG2   1 
HETATM 451 C C     . MVA C 2 11 ? 4.694   0.930   3.805   1.00 41.23  ? 11   MVA C C     1 
HETATM 452 O O     . MVA C 2 11 ? 5.766   0.344   3.995   1.00 47.65  ? 11   MVA C O     1 
ATOM   453 N N     . THR D 2 1  ? -6.458  -6.306  -3.465  1.00 43.47  ? 1    THR D N     1 
ATOM   454 C CA    . THR D 2 1  ? -5.574  -7.520  -3.280  1.00 43.39  ? 1    THR D CA    1 
ATOM   455 C C     . THR D 2 1  ? -5.019  -7.974  -4.636  1.00 44.75  ? 1    THR D C     1 
ATOM   456 O O     . THR D 2 1  ? -5.384  -7.446  -5.687  1.00 57.34  ? 1    THR D O     1 
ATOM   457 C CB    . THR D 2 1  ? -6.386  -8.707  -2.740  1.00 42.62  ? 1    THR D CB    1 
ATOM   458 O OG1   . THR D 2 1  ? -7.540  -8.946  -3.589  1.00 49.39  ? 1    THR D OG1   1 
ATOM   459 C CG2   . THR D 2 1  ? -6.822  -8.465  -1.296  1.00 50.75  ? 1    THR D CG2   1 
HETATM 460 N N     . DVA D 2 2  ? -4.194  -8.992  -4.627  1.00 42.22  ? 2    DVA D N     1 
HETATM 461 C CA    . DVA D 2 2  ? -3.632  -9.583  -5.892  1.00 41.82  ? 2    DVA D CA    1 
HETATM 462 C CB    . DVA D 2 2  ? -2.716  -10.770 -5.556  1.00 43.71  ? 2    DVA D CB    1 
HETATM 463 C CG1   . DVA D 2 2  ? -2.235  -11.439 -6.848  1.00 48.27  ? 2    DVA D CG1   1 
HETATM 464 C CG2   . DVA D 2 2  ? -3.491  -11.796 -4.725  1.00 47.27  ? 2    DVA D CG2   1 
HETATM 465 C C     . DVA D 2 2  ? -2.889  -8.560  -6.769  1.00 36.19  ? 2    DVA D C     1 
HETATM 466 O O     . DVA D 2 2  ? -1.777  -8.145  -6.438  1.00 42.81  ? 2    DVA D O     1 
ATOM   467 N N     . PRO D 2 3  ? -3.417  -8.362  -7.963  1.00 35.74  ? 3    PRO D N     1 
ATOM   468 C CA    . PRO D 2 3  ? -4.851  -8.623  -8.245  1.00 36.77  ? 3    PRO D CA    1 
ATOM   469 C C     . PRO D 2 3  ? -5.092  -10.112 -8.579  1.00 43.86  ? 3    PRO D C     1 
ATOM   470 O O     . PRO D 2 3  ? -4.188  -10.834 -9.044  1.00 44.06  ? 3    PRO D O     1 
ATOM   471 C CB    . PRO D 2 3  ? -5.161  -7.741  -9.459  1.00 36.55  ? 3    PRO D CB    1 
ATOM   472 C CG    . PRO D 2 3  ? -3.798  -7.376  -10.082 1.00 30.02  ? 3    PRO D CG    1 
ATOM   473 C CD    . PRO D 2 3  ? -2.775  -7.454  -8.942  1.00 38.42  ? 3    PRO D CD    1 
HETATM 474 N N     . SAR D 2 4  ? -6.295  -10.600 -8.360  1.00 43.10  ? 4    SAR D N     1 
HETATM 475 C CA    . SAR D 2 4  ? -7.418  -9.836  -7.822  1.00 41.28  ? 4    SAR D CA    1 
HETATM 476 C C     . SAR D 2 4  ? -7.797  -10.357 -6.422  1.00 43.12  ? 4    SAR D C     1 
HETATM 477 O O     . SAR D 2 4  ? -7.008  -11.046 -5.769  1.00 40.44  ? 4    SAR D O     1 
HETATM 478 C CN    . SAR D 2 4  ? -6.687  -12.034 -8.645  1.00 45.27  ? 4    SAR D CN    1 
HETATM 479 N N     . MVA D 2 5  ? -8.920  -9.927  -5.895  1.00 44.64  ? 5    MVA D N     1 
HETATM 480 C CN    . MVA D 2 5  ? -9.799  -8.881  -6.540  1.00 45.12  ? 5    MVA D CN    1 
HETATM 481 C CA    . MVA D 2 5  ? -9.351  -10.200 -4.525  1.00 49.15  ? 5    MVA D CA    1 
HETATM 482 C CB    . MVA D 2 5  ? -10.101 -11.548 -4.453  1.00 48.96  ? 5    MVA D CB    1 
HETATM 483 C CG1   . MVA D 2 5  ? -9.158  -12.717 -4.750  1.00 50.65  ? 5    MVA D CG1   1 
HETATM 484 C CG2   . MVA D 2 5  ? -10.717 -11.730 -3.065  1.00 47.64  ? 5    MVA D CG2   1 
HETATM 485 C C     . MVA D 2 5  ? -8.145  -10.167 -3.563  1.00 50.98  ? 5    MVA D C     1 
HETATM 486 O O     . MVA D 2 5  ? -7.797  -11.137 -2.886  1.00 53.73  ? 5    MVA D O     1 
HETATM 487 C C1    . PXZ D 2 6  ? -7.308  -4.098  -2.920  1.00 21.61  ? 6    PXZ D C1    1 
HETATM 488 C C0    . PXZ D 2 6  ? -6.386  -5.268  -2.646  1.00 32.51  ? 6    PXZ D C0    1 
HETATM 489 O O1    . PXZ D 2 6  ? -5.594  -5.266  -1.701  1.00 34.23  ? 6    PXZ D O1    1 
HETATM 490 C C2    . PXZ D 2 6  ? -8.331  -3.825  -2.002  1.00 16.76  ? 6    PXZ D C2    1 
HETATM 491 N N2    . PXZ D 2 6  ? -8.351  -4.467  -0.632  1.00 22.00  ? 6    PXZ D N2    1 
HETATM 492 C C3    . PXZ D 2 6  ? -9.309  -2.835  -2.235  1.00 14.93  ? 6    PXZ D C3    1 
HETATM 493 O O3    . PXZ D 2 6  ? -10.209 -2.715  -1.423  1.00 26.01  ? 6    PXZ D O3    1 
HETATM 494 C C4    . PXZ D 2 6  ? -9.260  -2.024  -3.388  1.00 11.83  ? 6    PXZ D C4    1 
HETATM 495 O O5    . PXZ D 2 6  ? -8.261  -1.476  -5.458  1.00 13.67  ? 6    PXZ D O5    1 
HETATM 496 C C6    . PXZ D 2 6  ? -7.383  -0.964  -7.639  1.00 16.08  ? 6    PXZ D C6    1 
HETATM 497 C C7    . PXZ D 2 6  ? -6.516  -1.305  -8.689  1.00 16.89  ? 6    PXZ D C7    1 
HETATM 498 C C8    . PXZ D 2 6  ? -5.683  -2.419  -8.585  1.00 15.77  ? 6    PXZ D C8    1 
HETATM 499 C C9    . PXZ D 2 6  ? -5.674  -3.208  -7.419  1.00 15.72  ? 6    PXZ D C9    1 
HETATM 500 C "C0'" . PXZ D 2 6  ? -4.571  -4.097  -7.244  1.00 22.22  ? 6    PXZ D "C0'" 1 
HETATM 501 O "O1'" . PXZ D 2 6  ? -4.195  -4.813  -8.169  1.00 29.87  ? 6    PXZ D "O1'" 1 
HETATM 502 N N10   . PXZ D 2 6  ? -6.445  -3.583  -5.175  1.00 19.75  ? 6    PXZ D N10   1 
HETATM 503 C C11   . PXZ D 2 6  ? -7.277  -3.295  -4.115  1.00 17.85  ? 6    PXZ D C11   1 
HETATM 504 C C12   . PXZ D 2 6  ? -8.249  -2.242  -4.319  1.00 12.21  ? 6    PXZ D C12   1 
HETATM 505 C C13   . PXZ D 2 6  ? -7.405  -1.766  -6.487  1.00 13.64  ? 6    PXZ D C13   1 
HETATM 506 C C14   . PXZ D 2 6  ? -6.517  -2.868  -6.351  1.00 6.89   ? 6    PXZ D C14   1 
HETATM 507 C C15   . PXZ D 2 6  ? -10.227 -0.857  -3.446  1.00 10.24  ? 6    PXZ D C15   1 
HETATM 508 C C16   . PXZ D 2 6  ? -8.095  0.382   -7.653  1.00 26.01  ? 6    PXZ D C16   1 
ATOM   509 N N     . THR D 2 7  ? -3.964  -4.096  -6.075  1.00 26.33  ? 7    THR D N     1 
ATOM   510 C CA    . THR D 2 7  ? -2.785  -4.989  -5.844  1.00 29.01  ? 7    THR D CA    1 
ATOM   511 C C     . THR D 2 7  ? -2.600  -5.302  -4.357  1.00 34.83  ? 7    THR D C     1 
ATOM   512 O O     . THR D 2 7  ? -3.341  -4.842  -3.483  1.00 37.47  ? 7    THR D O     1 
ATOM   513 C CB    . THR D 2 7  ? -1.492  -4.294  -6.298  1.00 31.54  ? 7    THR D CB    1 
ATOM   514 O OG1   . THR D 2 7  ? -1.176  -3.249  -5.350  1.00 45.72  ? 7    THR D OG1   1 
ATOM   515 C CG2   . THR D 2 7  ? -1.645  -3.707  -7.700  1.00 38.26  ? 7    THR D CG2   1 
HETATM 516 N N     . DVA D 2 8  ? -1.560  -6.044  -4.083  1.00 32.29  ? 8    DVA D N     1 
HETATM 517 C CA    . DVA D 2 8  ? -1.139  -6.439  -2.705  1.00 35.15  ? 8    DVA D CA    1 
HETATM 518 C CB    . DVA D 2 8  ? 0.051   -7.395  -2.837  1.00 34.16  ? 8    DVA D CB    1 
HETATM 519 C CG1   . DVA D 2 8  ? 0.931   -7.278  -1.595  1.00 29.86  ? 8    DVA D CG1   1 
HETATM 520 C CG2   . DVA D 2 8  ? 0.877   -7.039  -4.081  1.00 22.63  ? 8    DVA D CG2   1 
HETATM 521 C C     . DVA D 2 8  ? -2.264  -7.120  -1.905  1.00 40.83  ? 8    DVA D C     1 
HETATM 522 O O     . DVA D 2 8  ? -2.819  -8.122  -2.356  1.00 41.54  ? 8    DVA D O     1 
ATOM   523 N N     . PRO D 2 9  ? -2.410  -6.689  -0.657  1.00 42.22  ? 9    PRO D N     1 
ATOM   524 C CA    . PRO D 2 9  ? -2.416  -5.235  -0.334  1.00 41.11  ? 9    PRO D CA    1 
ATOM   525 C C     . PRO D 2 9  ? -1.040  -4.786  0.193   1.00 37.76  ? 9    PRO D C     1 
ATOM   526 O O     . PRO D 2 9  ? -0.409  -5.470  0.982   1.00 39.74  ? 9    PRO D O     1 
ATOM   527 C CB    . PRO D 2 9  ? -3.453  -5.113  0.777   1.00 36.85  ? 9    PRO D CB    1 
ATOM   528 C CG    . PRO D 2 9  ? -3.515  -6.505  1.437   1.00 38.26  ? 9    PRO D CG    1 
ATOM   529 C CD    . PRO D 2 9  ? -3.114  -7.513  0.349   1.00 39.69  ? 9    PRO D CD    1 
HETATM 530 N N     . SAR D 2 10 ? -0.563  -3.637  -0.219  1.00 41.24  ? 10   SAR D N     1 
HETATM 531 C CA    . SAR D 2 10 ? -1.233  -2.738  -1.157  1.00 35.39  ? 10   SAR D CA    1 
HETATM 532 C C     . SAR D 2 10 ? -0.440  -2.652  -2.468  1.00 31.61  ? 10   SAR D C     1 
HETATM 533 O O     . SAR D 2 10 ? 0.504   -3.408  -2.683  1.00 37.04  ? 10   SAR D O     1 
HETATM 534 C CN    . SAR D 2 10 ? 0.771   -3.085  0.228   1.00 33.87  ? 10   SAR D CN    1 
HETATM 535 N N     . MVA D 2 11 ? -0.716  -1.665  -3.289  1.00 33.16  ? 11   MVA D N     1 
HETATM 536 C CN    . MVA D 2 11 ? -1.613  -0.503  -2.934  1.00 23.27  ? 11   MVA D CN    1 
HETATM 537 C CA    . MVA D 2 11 ? 0.051   -1.385  -4.502  1.00 35.87  ? 11   MVA D CA    1 
HETATM 538 C CB    . MVA D 2 11 ? 1.515   -1.080  -4.129  1.00 42.67  ? 11   MVA D CB    1 
HETATM 539 C CG1   . MVA D 2 11 ? 2.262   -0.536  -5.348  1.00 43.87  ? 11   MVA D CG1   1 
HETATM 540 C CG2   . MVA D 2 11 ? 1.560   -0.038  -3.008  1.00 50.01  ? 11   MVA D CG2   1 
HETATM 541 C C     . MVA D 2 11 ? -0.009  -2.600  -5.458  1.00 42.88  ? 11   MVA D C     1 
HETATM 542 O O     . MVA D 2 11 ? 0.914   -2.911  -6.200  1.00 47.72  ? 11   MVA D O     1 
HETATM 543 O O     . HOH E 3 .  ? -9.826  2.453   -8.651  1.00 97.31  ? 2001 HOH A O     1 
HETATM 544 O O     . HOH E 3 .  ? -7.295  9.264   11.351  1.00 79.27  ? 2002 HOH A O     1 
HETATM 545 O O     . HOH E 3 .  ? 1.475   14.545  -3.178  1.00 71.06  ? 2003 HOH A O     1 
HETATM 546 O O     . HOH E 3 .  ? -6.785  5.670   -13.904 1.00 88.03  ? 2004 HOH A O     1 
HETATM 547 O O     . HOH E 3 .  ? -12.661 7.844   1.439   1.00 93.60  ? 2005 HOH A O     1 
HETATM 548 O O     . HOH E 3 .  ? -6.564  2.458   -16.334 1.00 96.67  ? 2006 HOH A O     1 
HETATM 549 O O     . HOH E 3 .  ? 0.993   4.941   -17.899 1.00 100.00 ? 2007 HOH A O     1 
HETATM 550 O O     . HOH E 3 .  ? -5.254  7.089   -18.362 1.00 43.89  ? 2008 HOH A O     1 
HETATM 551 O O     . HOH E 3 .  ? -12.327 -16.174 -9.430  1.00 72.30  ? 2009 HOH A O     1 
HETATM 552 O O     . HOH E 3 .  ? -10.134 16.205  10.193  1.00 98.21  ? 2010 HOH A O     1 
HETATM 553 O O     . HOH E 3 .  ? -5.428  18.092  8.740   1.00 82.68  ? 2011 HOH A O     1 
HETATM 554 O O     . HOH E 3 .  ? 1.704   -18.810 -9.314  1.00 100.00 ? 2012 HOH A O     1 
HETATM 555 O O     . HOH E 3 .  ? -8.199  12.676  6.029   1.00 75.97  ? 2013 HOH A O     1 
HETATM 556 O O     . HOH E 3 .  ? -7.544  17.467  4.432   1.00 52.97  ? 2014 HOH A O     1 
HETATM 557 O O     . HOH E 3 .  ? -8.414  8.401   8.162   1.00 99.76  ? 2015 HOH A O     1 
HETATM 558 O O     . HOH E 3 .  ? 1.517   10.194  -3.210  1.00 97.88  ? 2016 HOH A O     1 
HETATM 559 O O     . HOH E 3 .  ? -11.131 3.536   0.198   1.00 57.85  ? 2017 HOH A O     1 
HETATM 560 O O     . HOH E 3 .  ? -6.021  6.016   -7.604  1.00 90.38  ? 2018 HOH A O     1 
HETATM 561 O O     . HOH E 3 .  ? -8.034  4.118   -5.771  1.00 45.33  ? 2019 HOH A O     1 
HETATM 562 O O     . HOH E 3 .  ? -5.016  7.173   -9.621  1.00 99.95  ? 2020 HOH A O     1 
HETATM 563 O O     . HOH E 3 .  ? 1.109   8.240   -9.733  1.00 58.59  ? 2021 HOH A O     1 
HETATM 564 O O     . HOH E 3 .  ? -4.658  2.279   -11.079 1.00 64.39  ? 2022 HOH A O     1 
HETATM 565 O O     . HOH E 3 .  ? 1.156   -4.941  -10.140 1.00 77.31  ? 2023 HOH A O     1 
HETATM 566 O O     . HOH E 3 .  ? -11.442 0.982   -10.486 1.00 97.55  ? 2024 HOH A O     1 
HETATM 567 O O     . HOH E 3 .  ? -3.211  -0.159  -15.566 1.00 95.06  ? 2025 HOH A O     1 
HETATM 568 O O     . HOH E 3 .  ? -0.778  2.581   -14.970 1.00 97.21  ? 2026 HOH A O     1 
HETATM 569 O O     . HOH E 3 .  ? -0.293  -8.368  -15.923 1.00 96.87  ? 2027 HOH A O     1 
HETATM 570 O O     . HOH E 3 .  ? -3.895  -3.642  -19.198 1.00 49.04  ? 2028 HOH A O     1 
HETATM 571 O O     . HOH E 3 .  ? -10.402 -11.500 -8.814  1.00 59.30  ? 2029 HOH A O     1 
HETATM 572 O O     . HOH E 3 .  ? -10.262 -7.108  -17.625 1.00 43.67  ? 2030 HOH A O     1 
HETATM 573 O O     . HOH E 3 .  ? -14.048 -13.207 -10.254 1.00 68.63  ? 2031 HOH A O     1 
HETATM 574 O O     . HOH E 3 .  ? -0.068  -16.222 -12.333 1.00 75.82  ? 2032 HOH A O     1 
HETATM 575 O O     . HOH F 3 .  ? -6.451  4.131   9.697   1.00 74.17  ? 2001 HOH B O     1 
HETATM 576 O O     . HOH F 3 .  ? -13.088 1.538   -3.720  1.00 71.77  ? 2002 HOH B O     1 
HETATM 577 O O     . HOH F 3 .  ? -9.280  0.558   7.806   1.00 89.55  ? 2003 HOH B O     1 
HETATM 578 O O     . HOH F 3 .  ? 1.382   -10.307 5.099   1.00 82.06  ? 2004 HOH B O     1 
HETATM 579 O O     . HOH F 3 .  ? -1.667  -0.925  14.551  1.00 94.07  ? 2005 HOH B O     1 
HETATM 580 O O     . HOH F 3 .  ? -0.538  3.219   20.392  1.00 80.29  ? 2006 HOH B O     1 
HETATM 581 O O     . HOH F 3 .  ? -14.118 -10.243 -7.029  1.00 67.59  ? 2007 HOH B O     1 
HETATM 582 O O     . HOH F 3 .  ? -24.212 -8.980  -4.690  1.00 99.49  ? 2008 HOH B O     1 
HETATM 583 O O     . HOH F 3 .  ? -23.896 -4.782  -6.442  1.00 48.86  ? 2009 HOH B O     1 
HETATM 584 O O     . HOH F 3 .  ? -14.561 -2.536  -3.279  1.00 53.99  ? 2010 HOH B O     1 
HETATM 585 O O     . HOH F 3 .  ? -13.226 -1.112  -6.522  1.00 72.85  ? 2011 HOH B O     1 
HETATM 586 O O     . HOH F 3 .  ? -13.387 -10.953 2.091   1.00 63.47  ? 2012 HOH B O     1 
HETATM 587 O O     . HOH F 3 .  ? -4.900  -10.808 1.722   1.00 83.74  ? 2013 HOH B O     1 
HETATM 588 O O     . HOH F 3 .  ? -12.616 -3.900  2.424   1.00 97.04  ? 2014 HOH B O     1 
HETATM 589 O O     . HOH F 3 .  ? -0.359  2.281   -0.163  1.00 48.85  ? 2015 HOH B O     1 
HETATM 590 O O     . HOH F 3 .  ? -8.769  1.641   3.318   1.00 67.86  ? 2016 HOH B O     1 
HETATM 591 O O     . HOH F 3 .  ? -1.026  -8.752  3.795   1.00 69.50  ? 2017 HOH B O     1 
HETATM 592 O O     . HOH F 3 .  ? -2.280  -7.556  9.589   1.00 34.85  ? 2018 HOH B O     1 
HETATM 593 O O     . HOH F 3 .  ? 3.241   -6.046  6.260   1.00 97.39  ? 2019 HOH B O     1 
HETATM 594 O O     . HOH F 3 .  ? -5.667  2.284   6.788   1.00 86.21  ? 2020 HOH B O     1 
HETATM 595 O O     . HOH F 3 .  ? 0.253   -1.927  12.029  1.00 97.67  ? 2021 HOH B O     1 
HETATM 596 O O     . HOH F 3 .  ? -1.090  3.138   15.805  1.00 45.38  ? 2022 HOH B O     1 
HETATM 597 O O     . HOH F 3 .  ? 8.731   2.343   9.558   1.00 100.00 ? 2023 HOH B O     1 
HETATM 598 O O     . HOH F 3 .  ? 5.418   2.748   16.652  1.00 98.69  ? 2024 HOH B O     1 
HETATM 599 O O     . HOH F 3 .  ? 13.599  7.273   13.899  1.00 50.04  ? 2025 HOH B O     1 
HETATM 600 O O     . HOH F 3 .  ? 2.629   7.487   19.023  1.00 88.03  ? 2026 HOH B O     1 
HETATM 601 O O     . HOH F 3 .  ? 4.427   13.989  10.690  1.00 99.91  ? 2027 HOH B O     1 
HETATM 602 O O     . HOH G 3 .  ? 10.502  6.407   5.076   1.00 69.24  ? 2001 HOH C O     1 
HETATM 603 O O     . HOH G 3 .  ? 11.591  8.461   8.829   1.00 79.82  ? 2002 HOH C O     1 
HETATM 604 O O     . HOH G 3 .  ? -7.235  9.534   3.115   1.00 51.23  ? 2003 HOH C O     1 
HETATM 605 O O     . HOH H 3 .  ? 1.141   -13.437 -5.949  1.00 72.67  ? 2001 HOH D O     1 
HETATM 606 O O     . HOH H 3 .  ? -0.163  -11.319 -2.350  1.00 94.18  ? 2002 HOH D O     1 
HETATM 607 O O     . HOH H 3 .  ? 2.912   -3.624  -7.061  1.00 94.09  ? 2003 HOH D O     1 
# 
